data_1OAD
#
_entry.id   1OAD
#
_cell.length_a   98.450
_cell.length_b   129.590
_cell.length_c   78.330
_cell.angle_alpha   90.00
_cell.angle_beta   90.00
_cell.angle_gamma   90.00
#
_symmetry.space_group_name_H-M   'P 21 21 2'
#
loop_
_entity.id
_entity.type
_entity.pdbx_description
1 polymer 'XYLOSE ISOMERASE'
2 non-polymer 'MANGANESE (II) ION'
3 non-polymer 'MAGNESIUM ION'
4 non-polymer (4R)-2-METHYLPENTANE-2,4-DIOL
5 non-polymer 2-METHYLPENTANE-1,2,4-TRIOL
6 non-polymer 2-AMINO-2-HYDROXYMETHYL-PROPANE-1,3-DIOL
7 non-polymer (4S)-2-METHYL-2,4-PENTANEDIOL
8 water water
#
_entity_poly.entity_id   1
_entity_poly.type   'polypeptide(L)'
_entity_poly.pdbx_seq_one_letter_code
;MNYQPTPEDRFTFGLWTVGWEGRDPFGDATRRALDPVESVRRLAELGAHGVTFHDDDLIPFGSSDSEREEHVKRFRQALD
DTGMKVPMATTNLFTHPVFKDGGFTANDRDVRRYALRKTIRNIDLAVELGAETYVAWGGREGAESGGAKDVRDALDRMKE
AFDLLGEYVTSQGYDIRFAIEPKPNEPRGDILLPTVGHALAFIERLERPELYGVNPEVGHEQMAGLNFPHGIAQALWAGK
LFHIDLNGQNGIKYDQDLRFGAGDLRAAFWLVDLLESAGYSGPRHFDFKPPRTEDFDGVWASAAGCMRNYLILKERAAAF
RADPEVQEALRASRLDELARPTAADGLQALLDDRSAFEEFDVDAAAARGMAFERLDQLAMDHLLGARG
;
_entity_poly.pdbx_strand_id   A,B
#
# COMPACT_ATOMS: atom_id res chain seq x y z
N ASN A 2 6.42 33.83 -8.76
CA ASN A 2 6.45 33.52 -10.23
C ASN A 2 6.75 32.02 -10.45
N TYR A 3 8.02 31.64 -10.37
CA TYR A 3 8.29 30.18 -10.51
C TYR A 3 7.67 29.60 -11.75
N GLN A 4 7.92 30.20 -12.92
CA GLN A 4 7.37 29.77 -14.19
C GLN A 4 8.35 28.85 -14.90
N PRO A 5 7.94 27.60 -15.13
CA PRO A 5 8.89 26.70 -15.79
C PRO A 5 9.05 27.06 -17.26
N THR A 6 10.23 26.66 -17.76
CA THR A 6 10.43 26.75 -19.23
C THR A 6 11.14 25.46 -19.62
N PRO A 7 11.26 25.14 -20.89
CA PRO A 7 11.93 23.94 -21.34
C PRO A 7 13.34 23.80 -20.82
N GLU A 8 14.10 24.86 -20.58
CA GLU A 8 15.44 24.73 -20.04
C GLU A 8 15.54 24.10 -18.66
N ASP A 9 14.42 24.07 -17.90
CA ASP A 9 14.42 23.39 -16.58
C ASP A 9 14.35 21.88 -16.76
N ARG A 10 14.15 21.34 -17.94
CA ARG A 10 14.21 19.94 -18.23
C ARG A 10 13.15 19.14 -17.44
N PHE A 11 11.98 19.72 -17.31
CA PHE A 11 10.90 18.92 -16.68
C PHE A 11 10.23 18.04 -17.67
N THR A 12 10.02 16.76 -17.40
CA THR A 12 9.39 15.80 -18.26
C THR A 12 8.31 14.98 -17.52
N PHE A 13 7.43 14.41 -18.28
CA PHE A 13 6.32 13.68 -17.65
C PHE A 13 6.03 12.47 -18.46
N GLY A 14 5.68 11.35 -17.76
CA GLY A 14 5.21 10.19 -18.44
C GLY A 14 3.90 10.33 -19.17
N LEU A 15 3.64 9.81 -20.34
CA LEU A 15 2.29 9.90 -20.90
C LEU A 15 1.26 9.32 -19.94
N TRP A 16 1.64 8.29 -19.18
CA TRP A 16 0.71 7.58 -18.31
C TRP A 16 0.41 8.40 -17.10
N THR A 17 0.97 9.53 -16.81
CA THR A 17 0.91 10.30 -15.61
C THR A 17 -0.38 11.18 -15.70
N VAL A 18 -0.25 12.23 -16.49
CA VAL A 18 -1.43 13.06 -16.76
C VAL A 18 -2.44 12.24 -17.48
N GLY A 19 -2.16 11.15 -18.19
CA GLY A 19 -3.13 10.29 -18.84
C GLY A 19 -3.76 9.20 -17.92
N TRP A 20 -3.40 9.27 -16.67
CA TRP A 20 -4.03 8.19 -15.80
C TRP A 20 -5.58 8.39 -15.68
N GLU A 21 -6.29 7.37 -16.07
CA GLU A 21 -7.77 7.44 -16.08
C GLU A 21 -8.34 7.27 -14.66
N GLY A 22 -7.60 6.97 -13.66
CA GLY A 22 -8.13 6.97 -12.29
C GLY A 22 -8.64 5.60 -11.93
N ARG A 23 -8.36 4.52 -12.62
CA ARG A 23 -8.75 3.15 -12.15
C ARG A 23 -7.86 2.72 -11.06
N ASP A 24 -8.32 2.46 -9.84
CA ASP A 24 -7.54 2.12 -8.64
C ASP A 24 -7.98 0.70 -8.24
N PRO A 25 -7.45 0.17 -7.13
CA PRO A 25 -7.81 -1.17 -6.69
C PRO A 25 -9.28 -1.44 -6.49
N PHE A 26 -9.96 -0.36 -6.09
CA PHE A 26 -11.38 -0.43 -5.69
C PHE A 26 -12.27 0.44 -6.52
N GLY A 27 -11.83 0.86 -7.75
CA GLY A 27 -12.73 1.79 -8.43
C GLY A 27 -12.48 1.95 -9.91
N ASP A 28 -13.50 2.30 -10.63
CA ASP A 28 -13.48 2.48 -12.06
C ASP A 28 -12.87 3.84 -12.41
N ALA A 29 -12.58 3.89 -13.75
CA ALA A 29 -11.99 5.15 -14.21
C ALA A 29 -12.88 6.35 -13.96
N THR A 30 -12.24 7.45 -13.65
CA THR A 30 -13.03 8.70 -13.51
C THR A 30 -12.79 9.71 -14.65
N ARG A 31 -11.79 9.46 -15.51
CA ARG A 31 -11.52 10.32 -16.67
C ARG A 31 -11.37 9.49 -17.94
N ARG A 32 -11.67 10.16 -19.06
CA ARG A 32 -11.49 9.49 -20.35
C ARG A 32 -9.96 9.48 -20.67
N ALA A 33 -9.68 8.52 -21.55
CA ALA A 33 -8.28 8.42 -22.00
C ALA A 33 -7.90 9.69 -22.77
N LEU A 34 -6.62 10.05 -22.61
CA LEU A 34 -6.07 11.19 -23.35
C LEU A 34 -5.31 10.71 -24.58
N ASP A 35 -5.49 11.44 -25.66
CA ASP A 35 -4.60 11.15 -26.83
C ASP A 35 -3.23 11.74 -26.50
N PRO A 36 -2.14 10.96 -26.75
CA PRO A 36 -0.84 11.53 -26.51
C PRO A 36 -0.52 12.90 -27.12
N VAL A 37 -1.18 13.17 -28.30
CA VAL A 37 -1.00 14.51 -28.91
C VAL A 37 -1.46 15.62 -27.98
N GLU A 38 -2.65 15.32 -27.33
CA GLU A 38 -3.19 16.33 -26.41
C GLU A 38 -2.27 16.59 -25.25
N SER A 39 -1.70 15.47 -24.67
CA SER A 39 -0.83 15.59 -23.55
C SER A 39 0.49 16.32 -23.87
N VAL A 40 1.06 15.96 -25.05
CA VAL A 40 2.27 16.70 -25.43
C VAL A 40 2.06 18.23 -25.55
N ARG A 41 0.89 18.55 -26.21
CA ARG A 41 0.67 20.02 -26.40
C ARG A 41 0.34 20.74 -25.11
N ARG A 42 -0.50 20.07 -24.26
CA ARG A 42 -0.80 20.78 -23.01
C ARG A 42 0.35 20.97 -22.09
N LEU A 43 1.21 19.85 -22.03
CA LEU A 43 2.40 19.98 -21.21
C LEU A 43 3.38 21.03 -21.72
N ALA A 44 3.49 21.08 -23.09
CA ALA A 44 4.37 22.16 -23.58
C ALA A 44 3.79 23.53 -23.22
N GLU A 45 2.44 23.70 -23.24
CA GLU A 45 1.94 25.02 -22.86
C GLU A 45 2.29 25.38 -21.43
N LEU A 46 2.35 24.35 -20.53
CA LEU A 46 2.74 24.58 -19.16
C LEU A 46 4.20 24.75 -18.85
N GLY A 47 5.06 24.60 -19.93
CA GLY A 47 6.48 24.82 -19.67
C GLY A 47 7.30 23.52 -19.55
N ALA A 48 6.69 22.41 -19.95
CA ALA A 48 7.51 21.17 -19.88
C ALA A 48 8.58 21.17 -20.98
N HIS A 49 9.58 20.30 -20.79
CA HIS A 49 10.61 20.04 -21.83
C HIS A 49 10.33 18.83 -22.64
N GLY A 50 9.64 17.79 -22.07
CA GLY A 50 9.40 16.60 -22.85
C GLY A 50 8.49 15.58 -22.11
N VAL A 51 8.37 14.46 -22.77
CA VAL A 51 7.51 13.40 -22.23
C VAL A 51 8.27 12.08 -22.37
N THR A 52 7.73 11.07 -21.69
CA THR A 52 8.31 9.73 -21.78
C THR A 52 7.17 8.79 -21.97
N PHE A 53 7.37 7.53 -22.33
CA PHE A 53 6.35 6.62 -22.64
C PHE A 53 6.71 5.15 -22.39
N HIS A 54 5.70 4.36 -22.03
CA HIS A 54 5.79 2.94 -22.22
C HIS A 54 5.39 2.60 -23.64
N ASP A 55 5.93 1.54 -24.29
CA ASP A 55 5.42 1.10 -25.56
C ASP A 55 3.91 1.14 -25.69
N ASP A 56 3.21 0.56 -24.71
CA ASP A 56 1.76 0.42 -24.80
C ASP A 56 1.02 1.74 -24.52
N ASP A 57 1.67 2.73 -24.02
CA ASP A 57 0.99 4.05 -23.89
C ASP A 57 0.87 4.66 -25.27
N LEU A 58 1.84 4.46 -26.16
CA LEU A 58 1.85 5.12 -27.47
C LEU A 58 1.23 4.26 -28.52
N ILE A 59 1.39 2.94 -28.47
CA ILE A 59 0.84 1.99 -29.42
C ILE A 59 0.01 0.97 -28.66
N PRO A 60 -1.30 1.02 -28.78
CA PRO A 60 -2.14 0.04 -28.11
C PRO A 60 -1.59 -1.32 -28.35
N PHE A 61 -1.62 -2.13 -27.27
CA PHE A 61 -1.23 -3.50 -27.39
C PHE A 61 -1.97 -4.23 -28.47
N GLY A 62 -1.30 -5.01 -29.32
CA GLY A 62 -1.90 -5.75 -30.41
C GLY A 62 -2.14 -4.96 -31.69
N SER A 63 -1.63 -3.73 -31.78
CA SER A 63 -1.87 -2.93 -32.98
C SER A 63 -1.24 -3.57 -34.21
N SER A 64 -1.89 -3.38 -35.36
CA SER A 64 -1.28 -3.79 -36.62
C SER A 64 -0.14 -2.85 -36.95
N ASP A 65 0.72 -3.22 -37.90
CA ASP A 65 1.84 -2.34 -38.25
C ASP A 65 1.30 -1.02 -38.80
N SER A 66 0.20 -1.08 -39.53
CA SER A 66 -0.38 0.13 -40.09
C SER A 66 -0.85 1.07 -38.99
N GLU A 67 -1.54 0.53 -37.98
CA GLU A 67 -1.94 1.37 -36.84
C GLU A 67 -0.75 1.91 -36.05
N ARG A 68 0.27 1.08 -35.88
CA ARG A 68 1.49 1.50 -35.20
C ARG A 68 2.07 2.72 -35.93
N GLU A 69 2.22 2.63 -37.26
CA GLU A 69 2.82 3.75 -38.00
C GLU A 69 2.04 5.05 -37.78
N GLU A 70 0.71 4.98 -37.79
CA GLU A 70 -0.02 6.23 -37.64
C GLU A 70 0.05 6.83 -36.23
N HIS A 71 0.09 5.88 -35.23
CA HIS A 71 0.25 6.37 -33.87
C HIS A 71 1.56 7.09 -33.67
N VAL A 72 2.65 6.48 -34.21
CA VAL A 72 3.95 7.13 -34.08
C VAL A 72 4.02 8.44 -34.90
N LYS A 73 3.42 8.38 -36.12
CA LYS A 73 3.43 9.65 -36.91
C LYS A 73 2.79 10.79 -36.15
N ARG A 74 1.58 10.50 -35.55
CA ARG A 74 0.94 11.59 -34.82
C ARG A 74 1.69 12.12 -33.64
N PHE A 75 2.36 11.16 -32.92
CA PHE A 75 3.16 11.57 -31.76
C PHE A 75 4.35 12.46 -32.18
N ARG A 76 5.07 11.92 -33.22
CA ARG A 76 6.23 12.74 -33.68
C ARG A 76 5.81 14.14 -34.23
N GLN A 77 4.61 14.11 -34.80
CA GLN A 77 4.04 15.41 -35.27
C GLN A 77 3.81 16.41 -34.15
N ALA A 78 3.24 15.86 -33.04
CA ALA A 78 3.08 16.76 -31.91
C ALA A 78 4.35 17.25 -31.30
N LEU A 79 5.35 16.30 -31.18
CA LEU A 79 6.65 16.73 -30.67
C LEU A 79 7.31 17.85 -31.56
N ASP A 80 7.20 17.56 -32.87
CA ASP A 80 7.79 18.55 -33.80
C ASP A 80 7.05 19.90 -33.78
N ASP A 81 5.74 19.84 -33.67
CA ASP A 81 5.01 21.13 -33.62
C ASP A 81 5.31 21.89 -32.37
N THR A 82 5.61 21.23 -31.22
CA THR A 82 5.77 21.92 -29.97
C THR A 82 7.16 22.15 -29.46
N GLY A 83 8.12 21.39 -30.05
CA GLY A 83 9.49 21.45 -29.56
C GLY A 83 9.79 20.46 -28.38
N MET A 84 8.79 19.67 -28.09
CA MET A 84 9.01 18.74 -26.96
C MET A 84 9.95 17.62 -27.39
N LYS A 85 10.64 17.11 -26.33
CA LYS A 85 11.60 16.00 -26.56
C LYS A 85 11.09 14.71 -25.87
N VAL A 86 11.80 13.63 -26.14
CA VAL A 86 11.46 12.31 -25.52
C VAL A 86 12.77 11.77 -24.93
N PRO A 87 13.15 12.07 -23.73
CA PRO A 87 14.46 11.72 -23.21
C PRO A 87 14.52 10.27 -22.74
N MET A 88 13.39 9.66 -22.44
CA MET A 88 13.39 8.34 -21.79
C MET A 88 12.22 7.58 -22.29
N ALA A 89 12.30 6.26 -22.40
CA ALA A 89 11.21 5.36 -22.73
C ALA A 89 11.35 4.07 -21.87
N THR A 90 10.34 3.29 -21.90
CA THR A 90 10.30 2.05 -21.08
C THR A 90 9.34 1.13 -21.71
N THR A 91 9.29 -0.14 -21.23
CA THR A 91 8.41 -1.17 -21.70
C THR A 91 7.31 -1.54 -20.66
N ASN A 92 6.09 -1.72 -21.14
CA ASN A 92 5.08 -2.25 -20.15
C ASN A 92 5.24 -3.79 -20.12
N LEU A 93 5.85 -4.16 -18.97
CA LEU A 93 5.94 -5.63 -18.74
C LEU A 93 5.12 -6.01 -17.52
N PHE A 94 3.96 -5.29 -17.38
CA PHE A 94 3.18 -5.53 -16.12
C PHE A 94 1.70 -5.49 -16.33
N THR A 95 1.13 -4.88 -17.33
CA THR A 95 -0.34 -4.78 -17.46
C THR A 95 -0.95 -6.02 -18.01
N HIS A 96 -0.46 -6.62 -19.11
CA HIS A 96 -1.09 -7.77 -19.70
C HIS A 96 -1.04 -9.01 -18.82
N PRO A 97 -2.13 -9.77 -18.70
CA PRO A 97 -2.10 -10.97 -17.84
C PRO A 97 -0.98 -11.97 -18.11
N VAL A 98 -0.38 -11.91 -19.30
CA VAL A 98 0.75 -12.88 -19.49
C VAL A 98 1.84 -12.53 -18.53
N PHE A 99 2.01 -11.31 -18.07
CA PHE A 99 3.04 -10.94 -17.13
C PHE A 99 2.72 -11.07 -15.63
N LYS A 100 1.66 -11.90 -15.42
CA LYS A 100 1.21 -11.99 -14.00
C LYS A 100 2.19 -12.57 -13.02
N ASP A 101 3.24 -13.31 -13.51
CA ASP A 101 4.30 -13.78 -12.63
C ASP A 101 5.67 -13.19 -13.10
N GLY A 102 5.58 -12.06 -13.80
CA GLY A 102 6.87 -11.41 -14.22
C GLY A 102 6.96 -11.42 -15.77
N GLY A 103 7.97 -10.55 -16.10
CA GLY A 103 8.44 -10.51 -17.51
C GLY A 103 9.86 -11.23 -17.51
N PHE A 104 10.88 -10.50 -17.19
CA PHE A 104 12.23 -11.13 -17.28
C PHE A 104 12.39 -12.27 -16.31
N THR A 105 11.64 -12.31 -15.20
CA THR A 105 11.81 -13.42 -14.23
C THR A 105 10.53 -14.22 -14.12
N ALA A 106 9.67 -14.23 -15.10
CA ALA A 106 8.47 -15.12 -15.10
C ALA A 106 8.98 -16.56 -14.94
N ASN A 107 8.32 -17.41 -14.15
CA ASN A 107 8.74 -18.81 -14.15
C ASN A 107 8.62 -19.42 -15.51
N ASP A 108 7.70 -19.10 -16.38
CA ASP A 108 7.55 -19.66 -17.73
C ASP A 108 8.66 -19.05 -18.61
N ARG A 109 9.49 -19.98 -19.13
CA ARG A 109 10.59 -19.48 -20.01
C ARG A 109 10.03 -18.86 -21.26
N ASP A 110 8.95 -19.28 -21.86
CA ASP A 110 8.42 -18.66 -23.07
C ASP A 110 8.00 -17.19 -22.80
N VAL A 111 7.54 -16.94 -21.56
CA VAL A 111 7.18 -15.54 -21.21
C VAL A 111 8.40 -14.67 -21.10
N ARG A 112 9.50 -15.18 -20.51
CA ARG A 112 10.74 -14.42 -20.39
C ARG A 112 11.27 -14.07 -21.81
N ARG A 113 11.17 -15.03 -22.72
CA ARG A 113 11.67 -14.71 -24.08
C ARG A 113 10.80 -13.64 -24.73
N TYR A 114 9.48 -13.70 -24.59
CA TYR A 114 8.57 -12.70 -25.15
C TYR A 114 8.82 -11.38 -24.50
N ALA A 115 9.05 -11.25 -23.20
CA ALA A 115 9.36 -9.99 -22.53
C ALA A 115 10.59 -9.32 -23.16
N LEU A 116 11.64 -10.17 -23.40
CA LEU A 116 12.80 -9.54 -24.06
C LEU A 116 12.47 -9.11 -25.48
N ARG A 117 11.75 -9.87 -26.27
CA ARG A 117 11.42 -9.42 -27.63
C ARG A 117 10.58 -8.13 -27.58
N LYS A 118 9.66 -7.97 -26.61
CA LYS A 118 8.82 -6.77 -26.56
C LYS A 118 9.69 -5.64 -26.18
N THR A 119 10.64 -5.72 -25.25
CA THR A 119 11.54 -4.71 -24.87
C THR A 119 12.43 -4.23 -26.07
N ILE A 120 13.02 -5.25 -26.75
CA ILE A 120 13.95 -4.86 -27.86
C ILE A 120 13.16 -4.09 -28.91
N ARG A 121 11.95 -4.48 -29.27
CA ARG A 121 11.23 -3.72 -30.28
C ARG A 121 11.09 -2.28 -29.84
N ASN A 122 10.81 -1.98 -28.55
CA ASN A 122 10.64 -0.63 -28.11
C ASN A 122 11.92 0.11 -27.94
N ILE A 123 13.07 -0.61 -27.67
CA ILE A 123 14.34 0.11 -27.68
C ILE A 123 14.59 0.77 -29.10
N ASP A 124 14.27 0.00 -30.10
CA ASP A 124 14.49 0.64 -31.45
C ASP A 124 13.68 1.91 -31.62
N LEU A 125 12.40 1.84 -31.13
CA LEU A 125 11.58 3.09 -31.28
C LEU A 125 12.08 4.18 -30.43
N ALA A 126 12.50 3.90 -29.15
CA ALA A 126 13.02 4.87 -28.25
C ALA A 126 14.23 5.62 -28.88
N VAL A 127 15.13 4.79 -29.51
CA VAL A 127 16.27 5.52 -30.12
C VAL A 127 15.82 6.38 -31.32
N GLU A 128 14.88 5.88 -32.07
CA GLU A 128 14.34 6.73 -33.18
C GLU A 128 13.80 8.04 -32.65
N LEU A 129 13.17 8.03 -31.48
CA LEU A 129 12.62 9.28 -30.93
C LEU A 129 13.57 10.09 -30.12
N GLY A 130 14.85 9.72 -29.99
CA GLY A 130 15.89 10.48 -29.37
C GLY A 130 16.15 10.18 -27.88
N ALA A 131 15.52 9.07 -27.40
CA ALA A 131 15.78 8.85 -25.97
C ALA A 131 17.22 8.50 -25.55
N GLU A 132 17.67 8.97 -24.46
CA GLU A 132 19.03 8.68 -23.99
C GLU A 132 19.02 7.63 -22.91
N THR A 133 17.87 7.38 -22.28
CA THR A 133 17.73 6.42 -21.18
C THR A 133 16.54 5.53 -21.44
N TYR A 134 16.74 4.24 -21.15
CA TYR A 134 15.72 3.24 -21.29
C TYR A 134 15.48 2.61 -19.90
N VAL A 135 14.27 2.90 -19.33
CA VAL A 135 14.07 2.41 -17.91
C VAL A 135 13.41 1.08 -17.92
N ALA A 136 13.78 0.28 -16.89
CA ALA A 136 13.06 -0.99 -16.63
C ALA A 136 12.61 -0.96 -15.17
N TRP A 137 11.26 -1.08 -15.09
CA TRP A 137 10.61 -1.23 -13.75
C TRP A 137 9.98 -2.64 -13.74
N GLY A 138 10.67 -3.50 -12.94
CA GLY A 138 10.20 -4.90 -12.85
C GLY A 138 9.08 -5.07 -11.81
N GLY A 139 7.95 -4.46 -12.13
CA GLY A 139 6.83 -4.41 -11.13
C GLY A 139 6.27 -5.81 -10.91
N ARG A 140 6.32 -6.70 -11.88
CA ARG A 140 5.78 -8.06 -11.67
C ARG A 140 6.94 -9.04 -11.26
N GLU A 141 8.11 -8.57 -10.97
CA GLU A 141 9.17 -9.57 -10.65
C GLU A 141 9.14 -9.67 -9.13
N GLY A 142 8.77 -10.92 -8.70
CA GLY A 142 8.74 -11.09 -7.23
C GLY A 142 7.71 -12.19 -6.92
N ALA A 143 7.08 -12.01 -5.73
CA ALA A 143 6.19 -13.08 -5.28
C ALA A 143 5.29 -12.57 -4.13
N GLU A 144 4.25 -13.43 -3.93
CA GLU A 144 3.40 -13.29 -2.74
C GLU A 144 3.70 -14.40 -1.73
N SER A 145 4.36 -15.47 -2.16
CA SER A 145 4.63 -16.59 -1.23
C SER A 145 6.03 -17.11 -1.44
N GLY A 146 6.58 -17.80 -0.43
CA GLY A 146 8.02 -18.11 -0.47
C GLY A 146 8.37 -19.23 -1.42
N GLY A 147 7.57 -20.19 -1.74
CA GLY A 147 7.92 -21.28 -2.62
C GLY A 147 7.91 -20.90 -4.08
N ALA A 148 7.12 -19.82 -4.40
CA ALA A 148 6.82 -19.51 -5.79
C ALA A 148 8.03 -18.98 -6.59
N LYS A 149 8.98 -18.46 -5.90
CA LYS A 149 10.10 -17.83 -6.64
C LYS A 149 11.36 -18.14 -5.85
N ASP A 150 12.26 -18.85 -6.60
CA ASP A 150 13.61 -19.05 -6.04
C ASP A 150 14.39 -17.78 -6.41
N VAL A 151 14.79 -16.99 -5.49
CA VAL A 151 15.31 -15.66 -5.79
C VAL A 151 16.69 -15.79 -6.46
N ARG A 152 17.54 -16.69 -6.01
CA ARG A 152 18.81 -16.77 -6.75
C ARG A 152 18.55 -17.21 -8.16
N ASP A 153 17.65 -18.10 -8.53
CA ASP A 153 17.35 -18.44 -9.91
C ASP A 153 16.82 -17.19 -10.62
N ALA A 154 15.89 -16.44 -9.93
CA ALA A 154 15.30 -15.28 -10.61
C ALA A 154 16.35 -14.21 -10.81
N LEU A 155 17.31 -14.01 -9.92
CA LEU A 155 18.37 -13.04 -10.19
C LEU A 155 19.23 -13.51 -11.39
N ASP A 156 19.48 -14.84 -11.44
CA ASP A 156 20.22 -15.31 -12.64
C ASP A 156 19.45 -14.96 -13.88
N ARG A 157 18.13 -15.10 -13.95
CA ARG A 157 17.33 -14.79 -15.14
C ARG A 157 17.29 -13.26 -15.33
N MET A 158 17.27 -12.48 -14.28
CA MET A 158 17.27 -11.02 -14.48
C MET A 158 18.59 -10.58 -15.07
N LYS A 159 19.70 -11.13 -14.56
CA LYS A 159 21.02 -10.75 -15.11
C LYS A 159 21.06 -11.25 -16.53
N GLU A 160 20.63 -12.41 -16.90
CA GLU A 160 20.62 -12.88 -18.27
C GLU A 160 19.93 -11.85 -19.17
N ALA A 161 18.72 -11.42 -18.76
CA ALA A 161 17.98 -10.50 -19.60
C ALA A 161 18.70 -9.18 -19.71
N PHE A 162 19.22 -8.56 -18.70
CA PHE A 162 19.89 -7.28 -18.82
C PHE A 162 21.18 -7.47 -19.66
N ASP A 163 21.83 -8.62 -19.48
CA ASP A 163 23.06 -8.74 -20.34
C ASP A 163 22.63 -8.90 -21.76
N LEU A 164 21.62 -9.60 -22.18
CA LEU A 164 21.18 -9.70 -23.58
C LEU A 164 20.82 -8.31 -24.05
N LEU A 165 20.10 -7.49 -23.27
CA LEU A 165 19.73 -6.16 -23.76
C LEU A 165 20.98 -5.31 -23.95
N GLY A 166 22.01 -5.42 -23.12
CA GLY A 166 23.28 -4.68 -23.32
C GLY A 166 23.93 -5.24 -24.58
N GLU A 167 23.88 -6.52 -24.89
CA GLU A 167 24.42 -7.03 -26.16
C GLU A 167 23.68 -6.37 -27.29
N TYR A 168 22.36 -6.25 -27.22
CA TYR A 168 21.63 -5.70 -28.35
C TYR A 168 22.02 -4.25 -28.51
N VAL A 169 22.04 -3.40 -27.50
CA VAL A 169 22.28 -1.97 -27.69
C VAL A 169 23.71 -1.80 -28.24
N THR A 170 24.69 -2.57 -27.76
CA THR A 170 26.05 -2.28 -28.22
C THR A 170 26.18 -2.87 -29.62
N SER A 171 25.60 -3.97 -29.99
CA SER A 171 25.62 -4.57 -31.33
C SER A 171 25.06 -3.56 -32.31
N GLN A 172 24.04 -2.78 -31.96
CA GLN A 172 23.39 -1.83 -32.87
C GLN A 172 24.11 -0.50 -32.87
N GLY A 173 25.08 -0.25 -32.06
CA GLY A 173 25.78 0.99 -31.93
C GLY A 173 24.95 2.15 -31.32
N TYR A 174 23.96 1.73 -30.50
CA TYR A 174 23.19 2.81 -29.86
C TYR A 174 23.84 3.41 -28.65
N ASP A 175 23.63 4.69 -28.37
CA ASP A 175 24.17 5.37 -27.21
C ASP A 175 23.26 5.29 -25.95
N ILE A 176 22.09 4.77 -26.15
CA ILE A 176 21.10 4.73 -25.01
C ILE A 176 21.67 3.88 -23.90
N ARG A 177 21.33 4.23 -22.66
CA ARG A 177 21.77 3.45 -21.47
C ARG A 177 20.51 3.03 -20.69
N PHE A 178 20.67 2.04 -19.83
CA PHE A 178 19.52 1.53 -19.05
C PHE A 178 19.58 2.08 -17.65
N ALA A 179 18.29 2.22 -17.17
CA ALA A 179 18.15 2.65 -15.75
C ALA A 179 17.07 1.76 -15.06
N ILE A 180 17.50 1.06 -13.99
CA ILE A 180 16.51 0.23 -13.27
C ILE A 180 15.85 1.10 -12.18
N GLU A 181 14.49 0.96 -12.25
CA GLU A 181 13.66 1.70 -11.26
C GLU A 181 13.16 0.73 -10.11
N PRO A 182 13.79 0.91 -8.97
CA PRO A 182 13.40 0.01 -7.84
C PRO A 182 12.00 0.34 -7.28
N LYS A 183 11.38 -0.69 -6.71
CA LYS A 183 10.13 -0.48 -5.93
C LYS A 183 10.11 -1.68 -4.95
N PRO A 184 9.69 -1.50 -3.71
CA PRO A 184 9.85 -2.63 -2.77
C PRO A 184 8.69 -3.59 -2.77
N ASN A 185 7.50 -3.17 -3.18
CA ASN A 185 6.29 -4.00 -3.25
C ASN A 185 5.20 -3.29 -4.08
N GLU A 186 4.19 -3.99 -4.48
CA GLU A 186 3.04 -3.45 -5.21
C GLU A 186 3.33 -3.25 -6.69
N PRO A 187 2.87 -4.16 -7.53
CA PRO A 187 1.78 -5.09 -7.33
C PRO A 187 2.15 -6.43 -6.78
N ARG A 188 3.43 -6.82 -6.75
CA ARG A 188 3.71 -8.10 -6.07
C ARG A 188 3.94 -7.81 -4.60
N GLY A 189 3.66 -8.95 -3.84
CA GLY A 189 3.90 -8.88 -2.41
C GLY A 189 5.18 -8.32 -1.88
N ASP A 190 6.26 -8.86 -2.64
CA ASP A 190 7.57 -8.30 -2.52
C ASP A 190 8.20 -8.33 -3.96
N ILE A 191 8.83 -7.20 -4.32
CA ILE A 191 9.44 -7.09 -5.69
C ILE A 191 10.94 -7.24 -5.48
N LEU A 192 11.50 -7.93 -6.54
CA LEU A 192 12.95 -8.10 -6.57
C LEU A 192 13.70 -6.77 -6.82
N LEU A 193 14.90 -6.61 -6.28
CA LEU A 193 15.63 -5.33 -6.34
C LEU A 193 14.76 -4.24 -5.73
N PRO A 194 14.43 -4.34 -4.47
CA PRO A 194 13.35 -3.51 -3.91
C PRO A 194 13.83 -2.13 -3.62
N THR A 195 15.09 -1.74 -3.62
CA THR A 195 15.52 -0.43 -3.27
C THR A 195 16.68 0.02 -4.19
N VAL A 196 17.02 1.27 -4.07
CA VAL A 196 18.20 1.78 -4.84
C VAL A 196 19.37 0.89 -4.48
N GLY A 197 19.64 0.53 -3.23
CA GLY A 197 20.88 -0.22 -2.91
C GLY A 197 20.79 -1.52 -3.58
N HIS A 198 19.76 -2.33 -3.60
CA HIS A 198 19.70 -3.64 -4.20
C HIS A 198 19.94 -3.49 -5.69
N ALA A 199 19.41 -2.47 -6.36
CA ALA A 199 19.63 -2.35 -7.84
C ALA A 199 21.11 -1.92 -8.03
N LEU A 200 21.64 -1.02 -7.30
CA LEU A 200 23.07 -0.68 -7.48
C LEU A 200 23.93 -1.95 -7.34
N ALA A 201 23.64 -2.82 -6.38
CA ALA A 201 24.49 -4.02 -6.18
C ALA A 201 24.25 -4.92 -7.29
N PHE A 202 23.12 -5.22 -7.82
CA PHE A 202 22.82 -6.09 -8.94
C PHE A 202 23.59 -5.62 -10.20
N ILE A 203 23.61 -4.32 -10.43
CA ILE A 203 24.33 -3.83 -11.64
C ILE A 203 25.80 -4.26 -11.58
N GLU A 204 26.41 -4.31 -10.45
CA GLU A 204 27.85 -4.67 -10.46
C GLU A 204 27.97 -6.10 -10.87
N ARG A 205 27.01 -6.94 -10.97
CA ARG A 205 27.20 -8.30 -11.42
C ARG A 205 26.82 -8.50 -12.87
N LEU A 206 26.45 -7.44 -13.61
CA LEU A 206 26.14 -7.56 -15.03
C LEU A 206 27.50 -7.57 -15.78
N GLU A 207 27.38 -8.08 -16.99
CA GLU A 207 28.68 -8.19 -17.74
C GLU A 207 29.29 -6.87 -18.04
N ARG A 208 28.50 -5.83 -18.33
CA ARG A 208 29.08 -4.50 -18.59
C ARG A 208 28.29 -3.48 -17.73
N PRO A 209 28.71 -3.40 -16.50
CA PRO A 209 27.99 -2.53 -15.54
C PRO A 209 27.88 -1.12 -16.00
N GLU A 210 28.81 -0.56 -16.79
CA GLU A 210 28.78 0.83 -17.19
C GLU A 210 27.55 1.18 -18.02
N LEU A 211 26.84 0.23 -18.61
CA LEU A 211 25.66 0.47 -19.41
C LEU A 211 24.39 0.67 -18.53
N TYR A 212 24.53 0.50 -17.22
CA TYR A 212 23.25 0.48 -16.42
C TYR A 212 23.41 1.32 -15.21
N GLY A 213 22.29 2.07 -14.87
CA GLY A 213 22.26 2.90 -13.68
C GLY A 213 20.82 2.67 -13.02
N VAL A 214 20.57 3.71 -12.21
CA VAL A 214 19.20 3.63 -11.57
C VAL A 214 18.31 4.82 -11.92
N ASN A 215 17.03 4.59 -11.87
CA ASN A 215 15.98 5.66 -11.95
C ASN A 215 15.15 5.61 -10.60
N PRO A 216 15.71 6.16 -9.61
CA PRO A 216 15.01 6.07 -8.27
C PRO A 216 13.73 6.90 -8.32
N GLU A 217 12.71 6.42 -7.59
CA GLU A 217 11.45 7.20 -7.51
C GLU A 217 11.23 7.58 -6.09
N VAL A 218 10.96 8.84 -5.76
CA VAL A 218 10.75 9.35 -4.43
C VAL A 218 9.83 8.44 -3.59
N GLY A 219 8.64 8.19 -4.14
CA GLY A 219 7.69 7.40 -3.31
C GLY A 219 8.14 5.99 -3.10
N HIS A 220 8.87 5.43 -4.02
CA HIS A 220 9.19 3.96 -3.82
C HIS A 220 10.21 3.82 -2.77
N GLU A 221 11.19 4.63 -2.53
CA GLU A 221 12.08 4.46 -1.42
C GLU A 221 11.34 4.76 -0.14
N GLN A 222 10.40 5.70 -0.18
CA GLN A 222 9.64 6.06 1.00
C GLN A 222 8.69 4.91 1.32
N MET A 223 8.26 4.08 0.45
CA MET A 223 7.45 2.87 0.74
C MET A 223 8.20 1.92 1.66
N ALA A 224 9.49 1.98 1.68
CA ALA A 224 10.30 1.15 2.60
C ALA A 224 10.72 1.97 3.78
N GLY A 225 10.21 3.22 4.00
CA GLY A 225 10.64 4.04 5.07
C GLY A 225 12.07 4.61 5.04
N LEU A 226 12.60 4.54 3.77
CA LEU A 226 14.00 5.00 3.69
C LEU A 226 14.08 6.47 3.31
N ASN A 227 15.21 7.06 3.53
CA ASN A 227 15.50 8.47 3.27
C ASN A 227 15.86 8.63 1.80
N PHE A 228 15.00 9.22 0.98
CA PHE A 228 15.25 9.30 -0.47
C PHE A 228 16.47 10.18 -0.71
N PRO A 229 16.69 11.35 -0.21
CA PRO A 229 17.92 12.07 -0.44
C PRO A 229 19.12 11.19 -0.13
N HIS A 230 19.14 10.40 0.95
CA HIS A 230 20.37 9.60 1.22
C HIS A 230 20.57 8.56 0.14
N GLY A 231 19.56 7.91 -0.40
CA GLY A 231 19.62 6.95 -1.45
C GLY A 231 20.13 7.63 -2.75
N ILE A 232 19.61 8.84 -3.02
CA ILE A 232 20.12 9.52 -4.23
C ILE A 232 21.56 9.90 -3.99
N ALA A 233 22.03 10.26 -2.83
CA ALA A 233 23.43 10.57 -2.55
C ALA A 233 24.24 9.29 -2.86
N GLN A 234 23.78 8.12 -2.40
CA GLN A 234 24.63 6.93 -2.73
C GLN A 234 24.57 6.70 -4.21
N ALA A 235 23.52 6.86 -4.95
CA ALA A 235 23.53 6.64 -6.40
C ALA A 235 24.47 7.66 -7.08
N LEU A 236 24.46 8.89 -6.63
CA LEU A 236 25.46 9.86 -7.21
C LEU A 236 26.84 9.38 -6.89
N TRP A 237 27.14 9.01 -5.64
CA TRP A 237 28.52 8.60 -5.24
C TRP A 237 28.91 7.46 -6.14
N ALA A 238 28.08 6.54 -6.52
CA ALA A 238 28.41 5.43 -7.38
C ALA A 238 28.52 5.85 -8.85
N GLY A 239 28.13 7.09 -9.20
CA GLY A 239 28.10 7.45 -10.62
C GLY A 239 27.06 6.87 -11.46
N LYS A 240 25.88 6.54 -10.77
CA LYS A 240 24.78 5.81 -11.39
C LYS A 240 23.39 6.48 -11.41
N LEU A 241 23.40 7.78 -11.12
CA LEU A 241 22.07 8.46 -11.21
C LEU A 241 21.78 8.83 -12.67
N PHE A 242 21.28 7.93 -13.44
CA PHE A 242 21.06 8.16 -14.89
C PHE A 242 19.79 8.96 -15.15
N HIS A 243 18.84 8.90 -14.21
CA HIS A 243 17.52 9.55 -14.46
C HIS A 243 16.92 9.58 -13.04
N ILE A 244 15.86 10.37 -12.87
CA ILE A 244 15.23 10.31 -11.52
C ILE A 244 13.75 10.57 -11.71
N ASP A 245 12.91 9.99 -10.83
CA ASP A 245 11.47 10.10 -10.91
C ASP A 245 10.99 10.80 -9.63
N LEU A 246 10.25 11.89 -9.92
CA LEU A 246 9.84 12.78 -8.82
C LEU A 246 8.32 12.75 -8.62
N ASN A 247 7.99 12.62 -7.31
CA ASN A 247 6.52 12.54 -6.93
C ASN A 247 6.60 12.75 -5.41
N GLY A 248 5.36 12.51 -4.82
CA GLY A 248 5.20 12.54 -3.33
C GLY A 248 4.49 11.24 -2.86
N GLN A 249 4.77 11.08 -1.55
CA GLN A 249 4.28 9.84 -0.86
C GLN A 249 4.23 10.21 0.60
N ASN A 250 3.04 9.76 1.16
CA ASN A 250 2.91 9.93 2.61
C ASN A 250 3.24 8.66 3.39
N GLY A 251 4.50 8.35 3.50
CA GLY A 251 4.94 7.26 4.35
C GLY A 251 4.84 5.89 3.73
N ILE A 252 4.56 4.95 4.66
CA ILE A 252 4.63 3.52 4.31
C ILE A 252 3.27 3.03 4.06
N LYS A 253 2.85 2.92 2.82
CA LYS A 253 1.56 2.56 2.35
C LYS A 253 1.56 2.28 0.86
N TYR A 254 0.49 2.03 0.21
CA TYR A 254 0.34 1.88 -1.19
C TYR A 254 1.08 3.03 -1.91
N ASP A 255 1.47 2.80 -3.17
CA ASP A 255 2.19 3.84 -3.96
C ASP A 255 1.14 4.95 -4.31
N GLN A 256 1.38 6.11 -3.71
CA GLN A 256 0.40 7.19 -3.99
C GLN A 256 0.66 8.00 -5.27
N ASP A 257 1.95 8.14 -5.60
CA ASP A 257 2.30 8.96 -6.78
C ASP A 257 1.64 10.36 -6.67
N LEU A 258 1.77 10.97 -5.52
CA LEU A 258 1.27 12.38 -5.42
C LEU A 258 2.08 13.32 -6.28
N ARG A 259 1.56 14.51 -6.57
CA ARG A 259 2.44 15.46 -7.30
C ARG A 259 3.62 15.83 -6.49
N PHE A 260 4.78 16.13 -7.15
CA PHE A 260 5.99 16.47 -6.45
C PHE A 260 5.86 17.65 -5.50
N GLY A 261 6.37 17.63 -4.31
CA GLY A 261 6.24 18.60 -3.25
C GLY A 261 5.17 18.10 -2.20
N ALA A 262 4.20 17.40 -2.71
CA ALA A 262 3.21 16.80 -1.74
C ALA A 262 3.96 15.62 -1.08
N GLY A 263 3.34 15.07 -0.06
CA GLY A 263 3.95 14.02 0.76
C GLY A 263 4.96 14.68 1.63
N ASP A 264 6.21 14.18 1.67
CA ASP A 264 7.19 14.61 2.56
C ASP A 264 7.94 15.84 2.05
N LEU A 265 7.39 17.02 2.41
CA LEU A 265 7.90 18.28 1.82
C LEU A 265 9.30 18.49 2.26
N ARG A 266 9.78 18.25 3.45
CA ARG A 266 11.15 18.52 3.84
C ARG A 266 12.08 17.55 3.08
N ALA A 267 11.61 16.34 2.84
CA ALA A 267 12.52 15.46 2.02
C ALA A 267 12.60 16.01 0.60
N ALA A 268 11.55 16.60 0.08
CA ALA A 268 11.66 17.15 -1.30
C ALA A 268 12.61 18.34 -1.23
N PHE A 269 12.64 19.16 -0.23
CA PHE A 269 13.66 20.22 -0.10
C PHE A 269 15.05 19.60 -0.12
N TRP A 270 15.34 18.60 0.73
CA TRP A 270 16.77 18.15 0.73
C TRP A 270 17.03 17.39 -0.55
N LEU A 271 16.13 16.79 -1.24
CA LEU A 271 16.35 16.18 -2.54
C LEU A 271 16.79 17.31 -3.51
N VAL A 272 15.97 18.36 -3.62
CA VAL A 272 16.40 19.36 -4.66
C VAL A 272 17.68 19.97 -4.28
N ASP A 273 18.01 20.25 -3.04
CA ASP A 273 19.28 20.74 -2.57
C ASP A 273 20.40 19.81 -3.11
N LEU A 274 20.18 18.51 -2.95
CA LEU A 274 21.30 17.61 -3.37
C LEU A 274 21.35 17.59 -4.88
N LEU A 275 20.31 17.50 -5.64
CA LEU A 275 20.41 17.41 -7.10
C LEU A 275 21.13 18.67 -7.62
N GLU A 276 20.72 19.83 -7.14
CA GLU A 276 21.36 21.07 -7.63
C GLU A 276 22.73 21.16 -7.09
N SER A 277 23.13 20.83 -5.88
CA SER A 277 24.50 20.95 -5.44
C SER A 277 25.38 19.96 -6.20
N ALA A 278 24.88 18.81 -6.55
CA ALA A 278 25.67 17.82 -7.27
C ALA A 278 25.72 18.18 -8.75
N GLY A 279 24.93 19.09 -9.29
CA GLY A 279 24.97 19.37 -10.71
C GLY A 279 24.32 18.31 -11.54
N TYR A 280 23.33 17.52 -11.02
CA TYR A 280 22.57 16.60 -11.80
C TYR A 280 21.98 17.26 -13.06
N SER A 281 22.37 16.66 -14.22
CA SER A 281 21.96 17.36 -15.46
C SER A 281 20.96 16.62 -16.26
N GLY A 282 20.36 15.51 -15.75
CA GLY A 282 19.35 14.78 -16.44
C GLY A 282 17.91 15.39 -16.32
N PRO A 283 17.01 14.69 -16.93
CA PRO A 283 15.59 15.15 -16.87
C PRO A 283 15.13 15.21 -15.41
N ARG A 284 14.25 16.20 -15.12
CA ARG A 284 13.53 16.24 -13.85
C ARG A 284 12.20 15.63 -14.19
N HIS A 285 12.01 14.31 -14.10
CA HIS A 285 10.92 13.60 -14.60
C HIS A 285 9.88 13.29 -13.49
N PHE A 286 8.62 13.61 -13.80
CA PHE A 286 7.54 13.36 -12.81
C PHE A 286 6.79 12.16 -13.22
N ASP A 287 6.68 11.23 -12.17
CA ASP A 287 5.87 10.03 -12.31
C ASP A 287 4.85 10.11 -11.20
N PHE A 288 3.76 10.75 -11.63
CA PHE A 288 2.70 11.12 -10.60
C PHE A 288 1.39 10.83 -11.25
N LYS A 289 0.37 10.64 -10.34
CA LYS A 289 -1.00 10.43 -10.75
C LYS A 289 -1.86 11.59 -10.21
N PRO A 290 -2.45 12.39 -11.09
CA PRO A 290 -3.44 13.35 -10.58
C PRO A 290 -4.57 12.48 -9.92
N PRO A 291 -4.87 12.90 -8.69
CA PRO A 291 -5.87 12.05 -8.00
C PRO A 291 -7.13 11.84 -8.79
N ARG A 292 -7.89 10.77 -8.60
CA ARG A 292 -9.03 10.46 -9.41
C ARG A 292 -10.26 11.36 -9.05
N THR A 293 -10.09 12.12 -7.99
CA THR A 293 -11.14 13.14 -7.70
C THR A 293 -11.16 14.24 -8.74
N GLU A 294 -10.07 14.37 -9.52
CA GLU A 294 -9.97 15.56 -10.39
C GLU A 294 -10.48 15.33 -11.80
N ASP A 295 -10.97 16.46 -12.37
CA ASP A 295 -11.30 16.41 -13.79
C ASP A 295 -10.05 16.86 -14.58
N PHE A 296 -10.24 17.09 -15.92
CA PHE A 296 -8.99 17.47 -16.64
C PHE A 296 -8.36 18.74 -16.25
N ASP A 297 -9.16 19.78 -15.82
CA ASP A 297 -8.53 20.97 -15.34
C ASP A 297 -7.57 20.72 -14.19
N GLY A 298 -8.03 19.79 -13.25
CA GLY A 298 -7.23 19.41 -12.12
C GLY A 298 -5.98 18.53 -12.54
N VAL A 299 -6.17 17.81 -13.60
CA VAL A 299 -4.93 17.11 -14.11
C VAL A 299 -3.86 18.14 -14.42
N TRP A 300 -4.24 19.18 -15.20
CA TRP A 300 -3.20 20.15 -15.57
C TRP A 300 -2.69 20.99 -14.47
N ALA A 301 -3.58 21.34 -13.45
CA ALA A 301 -3.17 22.02 -12.28
C ALA A 301 -2.10 21.22 -11.46
N SER A 302 -2.40 19.90 -11.40
CA SER A 302 -1.42 19.04 -10.64
C SER A 302 -0.05 18.94 -11.36
N ALA A 303 -0.17 18.84 -12.71
CA ALA A 303 1.16 18.80 -13.43
C ALA A 303 1.88 20.09 -13.28
N ALA A 304 1.14 21.24 -13.36
CA ALA A 304 1.80 22.50 -13.12
C ALA A 304 2.47 22.63 -11.77
N GLY A 305 1.74 22.10 -10.74
CA GLY A 305 2.24 22.11 -9.36
C GLY A 305 3.59 21.31 -9.15
N CYS A 306 3.64 20.23 -9.93
CA CYS A 306 4.96 19.50 -9.85
C CYS A 306 6.19 20.40 -10.12
N MET A 307 6.00 21.10 -11.30
CA MET A 307 7.12 21.99 -11.67
C MET A 307 7.38 23.16 -10.80
N ARG A 308 6.17 23.78 -10.37
CA ARG A 308 6.23 24.93 -9.48
C ARG A 308 6.96 24.65 -8.18
N ASN A 309 6.55 23.44 -7.60
CA ASN A 309 7.19 23.11 -6.33
C ASN A 309 8.73 22.79 -6.45
N TYR A 310 9.05 22.16 -7.62
CA TYR A 310 10.51 22.01 -7.81
C TYR A 310 11.23 23.37 -7.83
N LEU A 311 10.61 24.32 -8.59
CA LEU A 311 11.27 25.63 -8.67
C LEU A 311 11.34 26.42 -7.41
N ILE A 312 10.23 26.34 -6.57
CA ILE A 312 10.29 26.99 -5.28
C ILE A 312 11.40 26.42 -4.39
N LEU A 313 11.38 25.01 -4.34
CA LEU A 313 12.40 24.41 -3.50
C LEU A 313 13.87 24.65 -4.00
N LYS A 314 13.96 24.75 -5.34
CA LYS A 314 15.29 25.13 -5.89
C LYS A 314 15.81 26.47 -5.40
N GLU A 315 14.82 27.43 -5.41
CA GLU A 315 15.17 28.75 -4.86
C GLU A 315 15.63 28.79 -3.41
N ARG A 316 14.78 28.01 -2.62
CA ARG A 316 15.07 28.00 -1.19
C ARG A 316 16.35 27.25 -0.78
N ALA A 317 16.57 26.13 -1.53
CA ALA A 317 17.83 25.40 -1.22
C ALA A 317 19.07 26.24 -1.62
N ALA A 318 18.88 26.91 -2.76
CA ALA A 318 20.04 27.78 -3.17
C ALA A 318 20.32 28.89 -2.19
N ALA A 319 19.19 29.52 -1.68
CA ALA A 319 19.37 30.58 -0.70
C ALA A 319 19.97 30.12 0.61
N PHE A 320 19.53 28.86 1.04
CA PHE A 320 20.17 28.30 2.23
C PHE A 320 21.71 28.08 2.05
N ARG A 321 22.04 27.51 0.88
CA ARG A 321 23.50 27.27 0.77
C ARG A 321 24.36 28.52 0.55
N ALA A 322 23.67 29.56 0.02
CA ALA A 322 24.44 30.83 -0.18
C ALA A 322 24.40 31.76 0.99
N ASP A 323 23.60 31.46 2.03
CA ASP A 323 23.49 32.36 3.16
C ASP A 323 24.70 32.30 4.04
N PRO A 324 25.51 33.33 4.22
CA PRO A 324 26.67 33.27 5.06
C PRO A 324 26.46 32.80 6.47
N GLU A 325 25.28 33.06 7.04
CA GLU A 325 25.05 32.54 8.40
C GLU A 325 24.91 31.01 8.33
N VAL A 326 24.37 30.49 7.26
CA VAL A 326 24.32 29.00 7.13
C VAL A 326 25.73 28.49 6.93
N GLN A 327 26.54 29.20 6.09
CA GLN A 327 27.89 28.67 5.90
C GLN A 327 28.70 28.69 7.15
N GLU A 328 28.50 29.68 8.04
CA GLU A 328 29.14 29.69 9.33
C GLU A 328 28.62 28.51 10.20
N ALA A 329 27.31 28.25 10.12
CA ALA A 329 26.76 27.14 10.94
C ALA A 329 27.31 25.83 10.39
N LEU A 330 27.44 25.65 9.09
CA LEU A 330 28.05 24.39 8.55
C LEU A 330 29.43 24.25 9.12
N ARG A 331 30.24 25.30 9.21
CA ARG A 331 31.53 25.14 9.85
C ARG A 331 31.43 24.80 11.33
N ALA A 332 30.46 25.43 12.04
CA ALA A 332 30.35 25.09 13.48
C ALA A 332 29.92 23.61 13.64
N SER A 333 29.27 23.04 12.68
CA SER A 333 28.85 21.65 12.71
C SER A 333 29.92 20.67 12.16
N ARG A 334 31.02 21.27 11.70
CA ARG A 334 32.16 20.48 11.13
C ARG A 334 31.80 19.82 9.86
N LEU A 335 30.96 20.30 8.95
CA LEU A 335 30.71 19.75 7.64
C LEU A 335 32.02 19.91 6.81
N ASP A 336 32.77 20.94 7.08
CA ASP A 336 34.05 21.03 6.31
C ASP A 336 35.03 19.95 6.74
N GLU A 337 35.05 19.59 8.03
CA GLU A 337 35.97 18.47 8.40
C GLU A 337 35.43 17.18 7.87
N LEU A 338 34.12 16.97 7.66
CA LEU A 338 33.62 15.72 7.10
C LEU A 338 34.18 15.46 5.70
N ALA A 339 34.43 16.58 4.96
CA ALA A 339 34.93 16.51 3.59
C ALA A 339 36.45 16.38 3.54
N ARG A 340 37.15 16.38 4.65
CA ARG A 340 38.62 16.14 4.60
C ARG A 340 38.92 14.68 4.81
N PRO A 341 39.89 14.05 4.14
CA PRO A 341 40.25 12.67 4.38
C PRO A 341 40.51 12.49 5.86
N THR A 342 40.13 11.23 6.30
CA THR A 342 40.46 10.84 7.64
C THR A 342 41.96 10.63 7.95
N ALA A 343 42.59 9.99 6.89
CA ALA A 343 44.02 9.64 7.14
C ALA A 343 44.75 9.56 5.80
N ALA A 344 44.90 10.73 5.22
CA ALA A 344 45.65 10.83 3.94
C ALA A 344 47.12 10.56 4.27
N ASP A 345 47.58 10.65 5.48
CA ASP A 345 48.90 10.29 5.95
C ASP A 345 49.10 8.77 5.83
N GLY A 346 48.09 7.95 5.73
CA GLY A 346 48.24 6.51 5.58
C GLY A 346 48.13 5.72 6.92
N LEU A 347 48.13 4.41 6.69
CA LEU A 347 47.89 3.51 7.82
C LEU A 347 48.96 3.60 8.85
N GLN A 348 50.29 3.51 8.47
CA GLN A 348 51.29 3.50 9.47
C GLN A 348 51.34 4.79 10.26
N ALA A 349 51.10 5.94 9.60
CA ALA A 349 51.10 7.22 10.31
C ALA A 349 49.90 7.26 11.34
N LEU A 350 48.79 6.71 10.87
CA LEU A 350 47.68 6.66 11.87
C LEU A 350 48.05 5.81 13.04
N LEU A 351 48.66 4.61 12.83
CA LEU A 351 48.98 3.76 13.96
C LEU A 351 50.00 4.38 14.88
N ASP A 352 50.84 5.23 14.34
CA ASP A 352 51.89 5.87 15.11
C ASP A 352 51.48 7.18 15.73
N ASP A 353 50.25 7.65 15.45
CA ASP A 353 49.78 8.96 15.89
C ASP A 353 49.15 8.83 17.30
N ARG A 354 49.88 9.26 18.31
CA ARG A 354 49.33 9.15 19.66
C ARG A 354 48.12 10.07 19.85
N SER A 355 47.94 11.07 19.03
CA SER A 355 46.77 11.96 19.17
C SER A 355 45.55 11.17 18.78
N ALA A 356 45.61 10.06 18.08
CA ALA A 356 44.47 9.29 17.64
C ALA A 356 44.09 8.22 18.64
N PHE A 357 44.86 7.99 19.70
CA PHE A 357 44.37 6.95 20.64
C PHE A 357 44.94 7.16 22.02
N GLU A 358 46.27 7.03 22.18
CA GLU A 358 46.85 7.05 23.51
C GLU A 358 46.69 8.37 24.20
N GLU A 359 46.70 9.46 23.46
CA GLU A 359 46.57 10.81 23.98
C GLU A 359 45.33 11.51 23.43
N PHE A 360 44.33 10.72 22.98
CA PHE A 360 43.08 11.33 22.49
C PHE A 360 42.16 11.63 23.70
N ASP A 361 41.77 12.90 23.80
CA ASP A 361 40.88 13.24 24.97
C ASP A 361 39.44 13.03 24.58
N VAL A 362 38.94 11.82 24.82
CA VAL A 362 37.66 11.39 24.35
C VAL A 362 36.58 12.28 25.08
N ASP A 363 36.91 12.67 26.29
CA ASP A 363 35.86 13.45 27.00
C ASP A 363 35.72 14.85 26.46
N ALA A 364 36.84 15.45 26.08
CA ALA A 364 36.72 16.80 25.48
C ALA A 364 36.06 16.70 24.13
N ALA A 365 36.28 15.65 23.35
CA ALA A 365 35.64 15.58 22.03
C ALA A 365 34.15 15.31 22.25
N ALA A 366 33.81 14.44 23.19
CA ALA A 366 32.39 14.15 23.41
C ALA A 366 31.63 15.40 23.94
N ALA A 367 32.28 16.26 24.67
CA ALA A 367 31.56 17.46 25.16
C ALA A 367 31.25 18.42 24.03
N ARG A 368 31.82 18.34 22.85
CA ARG A 368 31.60 19.34 21.81
C ARG A 368 30.24 19.11 21.21
N GLY A 369 29.34 20.09 21.31
CA GLY A 369 28.10 19.96 20.61
C GLY A 369 28.23 19.92 19.09
N MET A 370 27.31 19.29 18.40
CA MET A 370 27.32 19.30 16.95
C MET A 370 26.72 20.54 16.31
N ALA A 371 25.85 21.20 17.08
CA ALA A 371 25.12 22.41 16.65
C ALA A 371 24.20 22.13 15.51
N PHE A 372 23.67 20.88 15.38
CA PHE A 372 22.81 20.49 14.31
C PHE A 372 21.42 21.13 14.32
N GLU A 373 20.95 21.34 15.57
CA GLU A 373 19.55 21.90 15.62
C GLU A 373 19.48 23.37 15.14
N ARG A 374 20.51 24.14 15.45
CA ARG A 374 20.46 25.53 14.93
C ARG A 374 20.63 25.53 13.42
N LEU A 375 21.48 24.64 12.91
CA LEU A 375 21.62 24.54 11.45
C LEU A 375 20.33 24.16 10.78
N ASP A 376 19.59 23.17 11.36
CA ASP A 376 18.38 22.71 10.74
C ASP A 376 17.23 23.77 10.91
N GLN A 377 17.32 24.57 11.97
CA GLN A 377 16.28 25.63 12.04
C GLN A 377 16.59 26.73 11.03
N LEU A 378 17.88 26.99 10.74
CA LEU A 378 18.12 27.91 9.61
C LEU A 378 17.62 27.31 8.32
N ALA A 379 17.70 25.97 8.07
CA ALA A 379 17.16 25.34 6.92
C ALA A 379 15.62 25.47 6.86
N MET A 380 15.00 25.26 8.05
CA MET A 380 13.52 25.39 8.05
C MET A 380 13.15 26.85 7.74
N ASP A 381 13.87 27.77 8.33
CA ASP A 381 13.53 29.20 8.05
C ASP A 381 13.65 29.47 6.55
N HIS A 382 14.69 28.94 5.90
CA HIS A 382 14.79 29.14 4.48
C HIS A 382 13.72 28.50 3.65
N LEU A 383 13.30 27.22 3.98
CA LEU A 383 12.23 26.57 3.26
C LEU A 383 10.91 27.39 3.35
N LEU A 384 10.68 27.86 4.57
CA LEU A 384 9.40 28.61 4.72
C LEU A 384 9.59 30.05 4.31
N GLY A 385 10.73 30.49 3.82
CA GLY A 385 10.81 31.90 3.32
C GLY A 385 10.92 32.88 4.45
N ALA A 386 11.12 32.49 5.69
CA ALA A 386 11.37 33.40 6.80
C ALA A 386 12.78 33.99 6.66
N ARG A 387 13.70 33.22 6.04
CA ARG A 387 15.00 33.78 5.67
C ARG A 387 15.04 33.77 4.14
N GLY A 388 16.06 34.57 3.69
CA GLY A 388 16.35 34.65 2.25
C GLY A 388 17.88 34.70 2.00
N ASN B 2 -7.93 -34.04 10.11
CA ASN B 2 -8.10 -33.99 8.61
C ASN B 2 -8.46 -32.52 8.29
N TYR B 3 -8.89 -31.88 9.37
CA TYR B 3 -9.20 -30.43 9.28
C TYR B 3 -10.19 -30.16 8.20
N GLN B 4 -11.24 -30.96 8.09
CA GLN B 4 -12.24 -30.81 7.04
C GLN B 4 -13.39 -29.94 7.54
N PRO B 5 -13.66 -28.80 6.87
CA PRO B 5 -14.68 -27.91 7.33
C PRO B 5 -16.08 -28.45 7.06
N THR B 6 -17.00 -28.09 7.97
CA THR B 6 -18.41 -28.38 7.66
C THR B 6 -19.20 -27.08 7.89
N PRO B 7 -20.43 -27.05 7.40
CA PRO B 7 -21.25 -25.83 7.60
C PRO B 7 -21.33 -25.42 9.05
N GLU B 8 -21.30 -26.34 10.02
CA GLU B 8 -21.25 -25.97 11.42
C GLU B 8 -20.13 -25.10 11.94
N ASP B 9 -19.02 -25.06 11.14
CA ASP B 9 -17.90 -24.15 11.47
C ASP B 9 -18.16 -22.67 11.12
N ARG B 10 -19.28 -22.39 10.47
CA ARG B 10 -19.73 -21.06 10.13
C ARG B 10 -18.73 -20.25 9.28
N PHE B 11 -18.08 -20.98 8.36
CA PHE B 11 -17.15 -20.20 7.47
C PHE B 11 -17.96 -19.64 6.32
N THR B 12 -17.73 -18.34 6.07
CA THR B 12 -18.44 -17.68 4.98
C THR B 12 -17.42 -16.88 4.11
N PHE B 13 -17.90 -16.57 2.92
CA PHE B 13 -17.00 -15.85 1.94
C PHE B 13 -17.82 -14.81 1.21
N GLY B 14 -17.11 -13.69 0.95
CA GLY B 14 -17.74 -12.65 0.09
C GLY B 14 -17.81 -13.11 -1.35
N LEU B 15 -18.88 -12.88 -2.11
CA LEU B 15 -18.93 -13.22 -3.53
C LEU B 15 -17.69 -12.58 -4.22
N TRP B 16 -17.26 -11.45 -3.76
CA TRP B 16 -16.21 -10.70 -4.42
C TRP B 16 -14.82 -11.30 -4.19
N THR B 17 -14.69 -12.28 -3.31
CA THR B 17 -13.39 -12.82 -2.87
C THR B 17 -13.05 -13.88 -3.89
N VAL B 18 -13.67 -15.04 -3.93
CA VAL B 18 -13.40 -16.03 -4.97
C VAL B 18 -13.74 -15.47 -6.33
N GLY B 19 -14.66 -14.46 -6.45
CA GLY B 19 -15.00 -13.88 -7.75
C GLY B 19 -14.07 -12.76 -8.16
N TRP B 20 -13.03 -12.44 -7.43
CA TRP B 20 -12.12 -11.36 -7.88
C TRP B 20 -11.46 -11.75 -9.20
N GLU B 21 -11.58 -10.88 -10.20
CA GLU B 21 -11.02 -11.17 -11.52
C GLU B 21 -9.54 -10.82 -11.57
N GLY B 22 -8.91 -10.27 -10.60
CA GLY B 22 -7.46 -10.09 -10.59
C GLY B 22 -7.05 -8.79 -11.24
N ARG B 23 -7.94 -7.80 -11.42
CA ARG B 23 -7.50 -6.47 -11.86
C ARG B 23 -6.92 -5.72 -10.75
N ASP B 24 -5.75 -5.13 -10.83
CA ASP B 24 -5.06 -4.37 -9.85
C ASP B 24 -4.75 -3.00 -10.58
N PRO B 25 -4.22 -2.10 -9.82
CA PRO B 25 -3.90 -0.78 -10.35
C PRO B 25 -2.84 -0.85 -11.46
N PHE B 26 -2.05 -1.95 -11.46
CA PHE B 26 -1.05 -2.04 -12.55
C PHE B 26 -1.37 -3.13 -13.51
N GLY B 27 -2.57 -3.75 -13.54
CA GLY B 27 -2.79 -4.85 -14.42
C GLY B 27 -4.20 -5.27 -14.71
N ASP B 28 -4.45 -5.88 -15.79
CA ASP B 28 -5.78 -6.27 -16.23
C ASP B 28 -6.22 -7.56 -15.58
N ALA B 29 -7.51 -7.84 -15.71
CA ALA B 29 -8.04 -9.07 -15.11
C ALA B 29 -7.31 -10.29 -15.64
N THR B 30 -7.09 -11.27 -14.73
CA THR B 30 -6.51 -12.55 -15.20
C THR B 30 -7.48 -13.71 -15.19
N ARG B 31 -8.72 -13.45 -14.67
CA ARG B 31 -9.75 -14.50 -14.63
C ARG B 31 -11.12 -13.96 -15.13
N ARG B 32 -11.89 -14.85 -15.69
CA ARG B 32 -13.21 -14.40 -16.12
C ARG B 32 -14.09 -14.19 -14.85
N ALA B 33 -15.16 -13.41 -15.04
CA ALA B 33 -16.11 -13.24 -13.90
C ALA B 33 -16.86 -14.51 -13.63
N LEU B 34 -17.17 -14.74 -12.33
CA LEU B 34 -17.90 -15.93 -11.89
C LEU B 34 -19.38 -15.57 -11.71
N ASP B 35 -20.18 -16.53 -12.13
CA ASP B 35 -21.62 -16.40 -11.76
C ASP B 35 -21.78 -16.63 -10.28
N PRO B 36 -22.49 -15.78 -9.53
CA PRO B 36 -22.67 -16.02 -8.11
C PRO B 36 -23.28 -17.38 -7.83
N VAL B 37 -24.06 -17.94 -8.76
CA VAL B 37 -24.58 -19.30 -8.51
C VAL B 37 -23.49 -20.34 -8.49
N GLU B 38 -22.49 -20.20 -9.37
CA GLU B 38 -21.37 -21.13 -9.35
C GLU B 38 -20.60 -21.01 -8.05
N SER B 39 -20.29 -19.80 -7.58
CA SER B 39 -19.59 -19.56 -6.34
C SER B 39 -20.29 -20.25 -5.15
N VAL B 40 -21.62 -20.05 -5.12
CA VAL B 40 -22.39 -20.68 -4.00
C VAL B 40 -22.27 -22.20 -4.05
N ARG B 41 -22.35 -22.79 -5.25
CA ARG B 41 -22.26 -24.28 -5.34
C ARG B 41 -20.85 -24.74 -5.03
N ARG B 42 -19.82 -24.08 -5.58
CA ARG B 42 -18.45 -24.53 -5.29
C ARG B 42 -18.05 -24.35 -3.83
N LEU B 43 -18.48 -23.21 -3.20
CA LEU B 43 -18.15 -23.02 -1.81
C LEU B 43 -18.90 -24.05 -0.90
N ALA B 44 -20.13 -24.35 -1.31
CA ALA B 44 -20.81 -25.39 -0.47
C ALA B 44 -20.07 -26.74 -0.57
N GLU B 45 -19.55 -27.03 -1.76
CA GLU B 45 -18.82 -28.34 -1.90
C GLU B 45 -17.60 -28.38 -1.04
N LEU B 46 -16.94 -27.23 -0.77
CA LEU B 46 -15.79 -27.14 0.09
C LEU B 46 -16.07 -27.13 1.58
N GLY B 47 -17.38 -27.08 1.96
CA GLY B 47 -17.67 -27.07 3.37
C GLY B 47 -18.09 -25.72 3.95
N ALA B 48 -18.23 -24.71 3.10
CA ALA B 48 -18.62 -23.41 3.67
C ALA B 48 -20.09 -23.44 4.20
N HIS B 49 -20.33 -22.45 5.01
CA HIS B 49 -21.65 -22.22 5.65
C HIS B 49 -22.46 -21.23 4.84
N GLY B 50 -21.79 -20.21 4.22
CA GLY B 50 -22.59 -19.22 3.51
C GLY B 50 -21.72 -18.24 2.73
N VAL B 51 -22.40 -17.21 2.24
CA VAL B 51 -21.72 -16.21 1.39
C VAL B 51 -22.23 -14.85 1.84
N THR B 52 -21.54 -13.82 1.39
CA THR B 52 -21.98 -12.44 1.64
C THR B 52 -21.82 -11.65 0.34
N PHE B 53 -22.43 -10.45 0.26
CA PHE B 53 -22.38 -9.75 -1.04
C PHE B 53 -22.52 -8.27 -0.86
N HIS B 54 -21.86 -7.54 -1.79
CA HIS B 54 -22.28 -6.13 -1.97
C HIS B 54 -23.44 -6.20 -2.93
N ASP B 55 -24.37 -5.19 -2.85
CA ASP B 55 -25.41 -5.08 -3.84
C ASP B 55 -24.95 -5.28 -5.30
N ASP B 56 -23.84 -4.63 -5.67
CA ASP B 56 -23.41 -4.70 -7.09
C ASP B 56 -22.68 -5.97 -7.42
N ASP B 57 -22.41 -6.82 -6.44
CA ASP B 57 -21.89 -8.15 -6.80
C ASP B 57 -22.99 -9.05 -7.28
N LEU B 58 -24.19 -8.90 -6.69
CA LEU B 58 -25.29 -9.83 -7.01
C LEU B 58 -26.10 -9.28 -8.16
N ILE B 59 -26.28 -7.95 -8.20
CA ILE B 59 -27.10 -7.32 -9.25
C ILE B 59 -26.21 -6.28 -9.93
N PRO B 60 -25.92 -6.44 -11.22
CA PRO B 60 -25.07 -5.49 -11.92
C PRO B 60 -25.61 -4.08 -11.80
N PHE B 61 -24.71 -3.15 -11.49
CA PHE B 61 -25.09 -1.75 -11.36
C PHE B 61 -25.89 -1.32 -12.59
N GLY B 62 -27.03 -0.70 -12.33
CA GLY B 62 -27.87 -0.17 -13.41
C GLY B 62 -28.81 -1.19 -14.01
N SER B 63 -29.05 -2.32 -13.34
CA SER B 63 -29.95 -3.33 -13.84
C SER B 63 -31.40 -2.85 -13.75
N SER B 64 -32.20 -3.34 -14.69
CA SER B 64 -33.63 -3.06 -14.66
C SER B 64 -34.26 -3.89 -13.54
N ASP B 65 -35.46 -3.48 -13.11
CA ASP B 65 -36.14 -4.22 -12.06
C ASP B 65 -36.34 -5.68 -12.47
N SER B 66 -36.63 -5.93 -13.74
CA SER B 66 -36.84 -7.29 -14.20
C SER B 66 -35.54 -8.09 -14.14
N GLU B 67 -34.44 -7.45 -14.50
CA GLU B 67 -33.14 -8.13 -14.44
C GLU B 67 -32.78 -8.38 -12.98
N ARG B 68 -33.05 -7.39 -12.15
CA ARG B 68 -32.76 -7.55 -10.71
C ARG B 68 -33.46 -8.76 -10.12
N GLU B 69 -34.76 -8.89 -10.44
CA GLU B 69 -35.54 -10.01 -9.90
C GLU B 69 -34.97 -11.30 -10.45
N GLU B 70 -34.50 -11.37 -11.69
CA GLU B 70 -33.97 -12.63 -12.18
C GLU B 70 -32.67 -12.96 -11.43
N HIS B 71 -31.79 -11.95 -11.30
CA HIS B 71 -30.52 -12.24 -10.60
C HIS B 71 -30.79 -12.76 -9.20
N VAL B 72 -31.71 -12.12 -8.49
CA VAL B 72 -32.00 -12.55 -7.11
C VAL B 72 -32.64 -13.93 -7.09
N LYS B 73 -33.61 -14.17 -7.99
CA LYS B 73 -34.25 -15.49 -7.98
C LYS B 73 -33.28 -16.64 -8.20
N ARG B 74 -32.34 -16.45 -9.11
CA ARG B 74 -31.38 -17.56 -9.37
C ARG B 74 -30.50 -17.82 -8.15
N PHE B 75 -30.07 -16.72 -7.54
CA PHE B 75 -29.22 -16.80 -6.36
C PHE B 75 -29.96 -17.53 -5.23
N ARG B 76 -31.20 -17.10 -4.97
CA ARG B 76 -31.95 -17.77 -3.90
C ARG B 76 -32.17 -19.25 -4.22
N GLN B 77 -32.34 -19.61 -5.48
CA GLN B 77 -32.50 -21.04 -5.80
C GLN B 77 -31.23 -21.79 -5.49
N ALA B 78 -30.04 -21.16 -5.72
CA ALA B 78 -28.82 -21.89 -5.40
C ALA B 78 -28.63 -21.98 -3.90
N LEU B 79 -28.95 -20.94 -3.15
CA LEU B 79 -28.89 -21.04 -1.70
C LEU B 79 -29.77 -22.24 -1.26
N ASP B 80 -30.98 -22.26 -1.80
CA ASP B 80 -31.92 -23.29 -1.34
C ASP B 80 -31.39 -24.69 -1.67
N ASP B 81 -30.89 -24.86 -2.89
CA ASP B 81 -30.37 -26.15 -3.30
C ASP B 81 -29.21 -26.60 -2.43
N THR B 82 -28.34 -25.67 -2.00
CA THR B 82 -27.14 -26.08 -1.30
C THR B 82 -27.24 -26.02 0.22
N GLY B 83 -28.25 -25.29 0.74
CA GLY B 83 -28.30 -25.07 2.18
C GLY B 83 -27.43 -23.90 2.70
N MET B 84 -26.86 -23.18 1.72
CA MET B 84 -25.98 -22.05 2.12
C MET B 84 -26.79 -20.87 2.66
N LYS B 85 -26.19 -20.14 3.56
CA LYS B 85 -26.87 -18.96 4.18
C LYS B 85 -26.20 -17.68 3.69
N VAL B 86 -26.84 -16.58 4.03
CA VAL B 86 -26.32 -15.25 3.69
C VAL B 86 -26.29 -14.45 4.97
N PRO B 87 -25.35 -14.52 5.84
CA PRO B 87 -25.37 -13.90 7.14
C PRO B 87 -25.19 -12.38 7.15
N MET B 88 -24.52 -11.87 6.09
CA MET B 88 -24.08 -10.48 6.05
C MET B 88 -24.14 -9.98 4.62
N ALA B 89 -24.47 -8.68 4.52
CA ALA B 89 -24.45 -7.96 3.23
C ALA B 89 -23.97 -6.57 3.51
N THR B 90 -23.60 -5.92 2.35
CA THR B 90 -23.02 -4.59 2.34
C THR B 90 -23.33 -3.88 0.98
N THR B 91 -23.01 -2.57 1.02
CA THR B 91 -23.27 -1.76 -0.17
C THR B 91 -21.89 -1.42 -0.85
N ASN B 92 -21.93 -1.40 -2.19
CA ASN B 92 -20.68 -0.86 -2.82
C ASN B 92 -20.80 0.69 -2.97
N LEU B 93 -20.15 1.37 -2.07
CA LEU B 93 -20.11 2.83 -2.14
C LEU B 93 -18.67 3.33 -2.51
N PHE B 94 -18.07 2.48 -3.42
CA PHE B 94 -16.66 2.85 -3.71
C PHE B 94 -16.29 2.57 -5.19
N THR B 95 -16.91 1.73 -5.95
CA THR B 95 -16.46 1.47 -7.33
C THR B 95 -16.85 2.56 -8.27
N HIS B 96 -18.12 2.95 -8.30
CA HIS B 96 -18.62 3.88 -9.31
C HIS B 96 -18.02 5.24 -9.14
N PRO B 97 -17.56 5.91 -10.26
CA PRO B 97 -16.90 7.20 -10.10
C PRO B 97 -17.64 8.36 -9.36
N VAL B 98 -18.98 8.08 -9.29
CA VAL B 98 -19.71 9.09 -8.47
C VAL B 98 -19.30 9.17 -7.01
N PHE B 99 -18.77 8.01 -6.52
CA PHE B 99 -18.24 7.97 -5.18
C PHE B 99 -16.76 8.29 -4.98
N LYS B 100 -16.22 9.05 -6.01
CA LYS B 100 -14.78 9.34 -5.91
C LYS B 100 -14.32 10.14 -4.78
N ASP B 101 -15.22 10.95 -4.10
CA ASP B 101 -14.92 11.68 -2.91
C ASP B 101 -15.70 11.16 -1.68
N GLY B 102 -16.23 10.01 -1.86
CA GLY B 102 -16.99 9.38 -0.74
C GLY B 102 -18.44 9.21 -1.13
N GLY B 103 -19.10 8.37 -0.24
CA GLY B 103 -20.53 8.11 -0.27
C GLY B 103 -21.13 9.02 0.81
N PHE B 104 -21.20 8.47 2.05
CA PHE B 104 -21.83 9.26 3.14
C PHE B 104 -21.14 10.53 3.50
N THR B 105 -19.86 10.76 3.15
CA THR B 105 -19.10 11.95 3.47
C THR B 105 -18.62 12.68 2.14
N ALA B 106 -19.25 12.32 1.08
CA ALA B 106 -18.87 13.11 -0.16
C ALA B 106 -19.07 14.58 0.05
N ASN B 107 -18.25 15.48 -0.44
CA ASN B 107 -18.55 16.90 -0.26
C ASN B 107 -19.86 17.26 -1.00
N ASP B 108 -20.20 16.61 -2.06
CA ASP B 108 -21.49 16.90 -2.74
C ASP B 108 -22.63 16.29 -1.90
N ARG B 109 -23.58 17.21 -1.57
CA ARG B 109 -24.73 16.70 -0.78
C ARG B 109 -25.58 15.79 -1.55
N ASP B 110 -25.83 15.98 -2.88
CA ASP B 110 -26.59 15.09 -3.67
C ASP B 110 -26.07 13.62 -3.68
N VAL B 111 -24.71 13.54 -3.66
CA VAL B 111 -24.08 12.20 -3.63
C VAL B 111 -24.28 11.55 -2.24
N ARG B 112 -24.22 12.32 -1.19
CA ARG B 112 -24.53 11.73 0.15
C ARG B 112 -25.93 11.18 0.20
N ARG B 113 -26.88 11.94 -0.37
CA ARG B 113 -28.26 11.44 -0.36
C ARG B 113 -28.42 10.20 -1.17
N TYR B 114 -27.79 10.12 -2.39
CA TYR B 114 -27.83 8.92 -3.18
C TYR B 114 -27.17 7.72 -2.45
N ALA B 115 -26.04 7.95 -1.80
CA ALA B 115 -25.39 6.83 -1.08
C ALA B 115 -26.36 6.22 -0.04
N LEU B 116 -27.06 7.14 0.65
CA LEU B 116 -28.03 6.53 1.62
C LEU B 116 -29.15 5.82 0.92
N ARG B 117 -29.78 6.32 -0.18
CA ARG B 117 -30.79 5.57 -0.89
C ARG B 117 -30.31 4.21 -1.35
N LYS B 118 -29.05 4.15 -1.90
CA LYS B 118 -28.54 2.87 -2.44
C LYS B 118 -28.35 1.90 -1.28
N THR B 119 -27.85 2.40 -0.17
CA THR B 119 -27.78 1.47 1.00
C THR B 119 -29.15 1.00 1.51
N ILE B 120 -30.10 1.95 1.61
CA ILE B 120 -31.39 1.43 2.16
C ILE B 120 -32.00 0.40 1.28
N ARG B 121 -31.95 0.56 -0.08
CA ARG B 121 -32.46 -0.44 -0.96
C ARG B 121 -31.82 -1.83 -0.69
N ASN B 122 -30.48 -1.83 -0.47
CA ASN B 122 -29.89 -3.16 -0.22
C ASN B 122 -30.16 -3.68 1.18
N ILE B 123 -30.37 -2.79 2.16
CA ILE B 123 -30.79 -3.37 3.49
C ILE B 123 -32.06 -4.16 3.31
N ASP B 124 -33.03 -3.67 2.54
CA ASP B 124 -34.22 -4.48 2.32
C ASP B 124 -33.91 -5.88 1.82
N LEU B 125 -33.04 -5.91 0.74
CA LEU B 125 -32.71 -7.20 0.18
C LEU B 125 -31.92 -8.08 1.16
N ALA B 126 -31.00 -7.48 1.90
CA ALA B 126 -30.22 -8.22 2.89
C ALA B 126 -31.21 -8.92 3.86
N VAL B 127 -32.21 -8.15 4.35
CA VAL B 127 -33.13 -8.82 5.33
C VAL B 127 -33.91 -9.89 4.62
N GLU B 128 -34.36 -9.69 3.38
CA GLU B 128 -35.06 -10.78 2.68
C GLU B 128 -34.23 -12.04 2.54
N LEU B 129 -32.90 -11.88 2.39
CA LEU B 129 -32.04 -13.07 2.29
C LEU B 129 -31.57 -13.59 3.63
N GLY B 130 -32.02 -13.01 4.75
CA GLY B 130 -31.71 -13.56 6.06
C GLY B 130 -30.49 -13.04 6.75
N ALA B 131 -29.92 -11.92 6.23
CA ALA B 131 -28.71 -11.41 6.88
C ALA B 131 -28.90 -10.89 8.27
N GLU B 132 -27.99 -11.08 9.19
CA GLU B 132 -28.14 -10.55 10.52
C GLU B 132 -27.35 -9.28 10.73
N THR B 133 -26.30 -9.09 9.85
CA THR B 133 -25.37 -7.98 9.98
C THR B 133 -25.23 -7.27 8.60
N TYR B 134 -25.26 -5.94 8.67
CA TYR B 134 -25.09 -5.14 7.45
C TYR B 134 -23.84 -4.29 7.68
N VAL B 135 -22.79 -4.61 6.81
CA VAL B 135 -21.50 -3.92 7.00
C VAL B 135 -21.39 -2.59 6.20
N ALA B 136 -20.71 -1.69 6.83
CA ALA B 136 -20.35 -0.44 6.04
C ALA B 136 -18.83 -0.39 6.08
N TRP B 137 -18.24 -0.28 4.84
CA TRP B 137 -16.80 0.00 4.68
C TRP B 137 -16.70 1.37 3.93
N GLY B 138 -16.29 2.34 4.67
CA GLY B 138 -16.24 3.68 3.99
C GLY B 138 -14.86 3.92 3.28
N GLY B 139 -14.70 3.06 2.27
CA GLY B 139 -13.34 3.10 1.65
C GLY B 139 -13.06 4.41 0.86
N ARG B 140 -14.13 5.12 0.45
CA ARG B 140 -13.83 6.43 -0.18
C ARG B 140 -14.03 7.61 0.73
N GLU B 141 -14.24 7.41 2.04
CA GLU B 141 -14.41 8.47 3.00
C GLU B 141 -13.08 8.90 3.51
N GLY B 142 -12.58 10.06 3.09
CA GLY B 142 -11.31 10.55 3.55
C GLY B 142 -10.72 11.52 2.52
N ALA B 143 -9.41 11.52 2.37
CA ALA B 143 -8.80 12.60 1.55
C ALA B 143 -7.38 12.19 1.17
N GLU B 144 -6.85 12.88 0.15
CA GLU B 144 -5.44 12.90 -0.19
C GLU B 144 -4.77 14.15 0.27
N SER B 145 -5.50 15.23 0.56
CA SER B 145 -4.90 16.51 0.90
C SER B 145 -5.64 17.17 2.08
N GLY B 146 -5.00 18.03 2.78
CA GLY B 146 -5.60 18.54 4.02
C GLY B 146 -6.80 19.47 3.86
N GLY B 147 -6.88 20.25 2.79
CA GLY B 147 -7.99 21.24 2.74
C GLY B 147 -9.16 20.60 2.11
N ALA B 148 -9.13 19.40 1.49
CA ALA B 148 -10.25 18.82 0.82
C ALA B 148 -11.45 18.33 1.68
N LYS B 149 -11.06 18.08 2.91
CA LYS B 149 -12.10 17.43 3.79
C LYS B 149 -11.96 18.00 5.16
N ASP B 150 -12.98 18.74 5.69
CA ASP B 150 -12.99 19.19 7.06
C ASP B 150 -13.58 17.99 7.90
N VAL B 151 -12.63 17.40 8.67
CA VAL B 151 -13.01 16.09 9.27
C VAL B 151 -14.13 16.21 10.32
N ARG B 152 -14.16 17.32 11.05
CA ARG B 152 -15.33 17.47 11.95
C ARG B 152 -16.63 17.54 11.19
N ASP B 153 -16.62 18.26 10.03
CA ASP B 153 -17.84 18.26 9.25
C ASP B 153 -18.22 16.89 8.73
N ALA B 154 -17.12 16.18 8.20
CA ALA B 154 -17.35 14.84 7.68
C ALA B 154 -17.88 13.84 8.75
N LEU B 155 -17.32 14.00 9.93
CA LEU B 155 -17.87 13.07 10.95
C LEU B 155 -19.33 13.46 11.31
N ASP B 156 -19.63 14.76 11.23
CA ASP B 156 -21.09 15.07 11.42
C ASP B 156 -21.93 14.42 10.36
N ARG B 157 -21.46 14.45 9.05
CA ARG B 157 -22.17 13.80 8.03
C ARG B 157 -22.31 12.30 8.14
N MET B 158 -21.17 11.72 8.61
CA MET B 158 -21.14 10.25 8.83
C MET B 158 -22.11 9.83 9.96
N LYS B 159 -22.11 10.62 11.02
CA LYS B 159 -23.10 10.32 12.09
C LYS B 159 -24.52 10.51 11.59
N GLU B 160 -24.75 11.54 10.78
CA GLU B 160 -26.11 11.72 10.25
C GLU B 160 -26.52 10.57 9.43
N ALA B 161 -25.64 9.99 8.57
CA ALA B 161 -25.99 8.90 7.76
C ALA B 161 -26.31 7.63 8.60
N PHE B 162 -25.42 7.32 9.57
CA PHE B 162 -25.68 6.09 10.35
C PHE B 162 -26.95 6.29 11.25
N ASP B 163 -27.14 7.52 11.70
CA ASP B 163 -28.42 7.69 12.46
C ASP B 163 -29.62 7.51 11.57
N LEU B 164 -29.64 7.99 10.32
CA LEU B 164 -30.76 7.73 9.44
C LEU B 164 -30.96 6.30 9.16
N LEU B 165 -29.84 5.53 8.94
CA LEU B 165 -29.99 4.12 8.70
C LEU B 165 -30.52 3.37 9.96
N GLY B 166 -30.17 3.89 11.12
CA GLY B 166 -30.76 3.24 12.34
C GLY B 166 -32.24 3.56 12.37
N GLU B 167 -32.59 4.79 12.08
CA GLU B 167 -34.03 5.11 12.00
C GLU B 167 -34.78 4.23 11.05
N TYR B 168 -34.18 3.91 9.88
CA TYR B 168 -34.84 3.07 8.92
C TYR B 168 -35.04 1.66 9.41
N VAL B 169 -33.94 1.04 9.93
CA VAL B 169 -34.11 -0.36 10.37
C VAL B 169 -35.10 -0.44 11.56
N THR B 170 -35.07 0.52 12.46
CA THR B 170 -36.02 0.36 13.59
C THR B 170 -37.44 0.65 13.05
N SER B 171 -37.62 1.59 12.16
CA SER B 171 -38.95 1.99 11.62
C SER B 171 -39.53 0.77 10.98
N GLN B 172 -38.77 -0.14 10.34
CA GLN B 172 -39.24 -1.29 9.64
C GLN B 172 -39.39 -2.55 10.52
N GLY B 173 -38.90 -2.44 11.76
CA GLY B 173 -38.94 -3.63 12.61
C GLY B 173 -37.89 -4.69 12.27
N TYR B 174 -36.81 -4.29 11.59
CA TYR B 174 -35.80 -5.32 11.25
C TYR B 174 -34.88 -5.57 12.44
N ASP B 175 -34.39 -6.85 12.49
CA ASP B 175 -33.44 -7.20 13.54
C ASP B 175 -31.95 -7.03 13.17
N ILE B 176 -31.78 -6.74 11.91
CA ILE B 176 -30.38 -6.57 11.38
C ILE B 176 -29.65 -5.49 12.10
N ARG B 177 -28.34 -5.60 12.35
CA ARG B 177 -27.53 -4.62 13.04
C ARG B 177 -26.36 -4.21 12.11
N PHE B 178 -25.77 -3.09 12.41
CA PHE B 178 -24.71 -2.58 11.51
C PHE B 178 -23.35 -2.89 12.10
N ALA B 179 -22.39 -3.08 11.18
CA ALA B 179 -20.99 -3.24 11.62
C ALA B 179 -20.04 -2.39 10.72
N ILE B 180 -19.34 -1.52 11.36
CA ILE B 180 -18.41 -0.63 10.56
C ILE B 180 -17.09 -1.40 10.41
N GLU B 181 -16.60 -1.42 9.17
CA GLU B 181 -15.29 -2.11 8.92
C GLU B 181 -14.20 -1.06 8.72
N PRO B 182 -13.30 -0.83 9.64
CA PRO B 182 -12.24 0.16 9.59
C PRO B 182 -11.14 -0.24 8.56
N LYS B 183 -10.53 0.81 8.00
CA LYS B 183 -9.32 0.59 7.14
C LYS B 183 -8.56 1.86 7.26
N PRO B 184 -7.26 1.98 7.34
CA PRO B 184 -6.56 3.20 7.58
C PRO B 184 -6.29 4.03 6.30
N ASN B 185 -6.18 3.33 5.22
CA ASN B 185 -5.83 4.08 3.95
C ASN B 185 -6.12 3.07 2.87
N GLU B 186 -6.17 3.54 1.60
CA GLU B 186 -6.31 2.81 0.38
C GLU B 186 -7.74 2.36 0.19
N PRO B 187 -8.54 3.02 -0.67
CA PRO B 187 -8.01 3.82 -1.79
C PRO B 187 -7.79 5.28 -1.53
N ARG B 188 -8.31 5.81 -0.42
CA ARG B 188 -8.01 7.21 -0.14
C ARG B 188 -6.66 7.35 0.55
N GLY B 189 -6.00 8.50 0.52
CA GLY B 189 -4.74 8.69 1.18
C GLY B 189 -4.79 8.38 2.65
N ASP B 190 -5.87 8.89 3.30
CA ASP B 190 -6.21 8.58 4.69
C ASP B 190 -7.72 8.36 4.70
N ILE B 191 -8.18 7.27 5.31
CA ILE B 191 -9.63 6.98 5.41
C ILE B 191 -10.06 7.30 6.82
N LEU B 192 -11.31 7.91 6.86
CA LEU B 192 -11.91 8.23 8.17
C LEU B 192 -12.24 6.95 8.98
N LEU B 193 -12.19 7.11 10.29
CA LEU B 193 -12.39 5.92 11.18
C LEU B 193 -11.37 4.78 10.81
N PRO B 194 -10.10 5.18 10.97
CA PRO B 194 -9.07 4.28 10.34
C PRO B 194 -8.81 3.00 11.10
N THR B 195 -9.23 2.84 12.35
CA THR B 195 -8.92 1.58 13.07
C THR B 195 -10.14 1.12 13.88
N VAL B 196 -10.04 -0.03 14.47
CA VAL B 196 -11.17 -0.48 15.36
C VAL B 196 -11.27 0.58 16.40
N GLY B 197 -10.35 1.18 17.05
CA GLY B 197 -10.49 2.16 18.11
C GLY B 197 -11.36 3.31 17.60
N HIS B 198 -11.01 3.91 16.45
CA HIS B 198 -11.76 5.13 16.06
C HIS B 198 -13.12 4.69 15.66
N ALA B 199 -13.48 3.56 15.17
CA ALA B 199 -14.84 3.14 14.84
C ALA B 199 -15.58 2.92 16.19
N LEU B 200 -15.00 2.28 17.15
CA LEU B 200 -15.70 2.08 18.43
C LEU B 200 -16.02 3.43 19.04
N ALA B 201 -15.16 4.42 19.02
CA ALA B 201 -15.34 5.72 19.62
C ALA B 201 -16.44 6.44 18.86
N PHE B 202 -16.50 6.38 17.56
CA PHE B 202 -17.54 7.06 16.78
C PHE B 202 -18.88 6.44 17.09
N ILE B 203 -19.00 5.16 17.24
CA ILE B 203 -20.33 4.55 17.50
C ILE B 203 -20.88 5.11 18.82
N GLU B 204 -20.07 5.47 19.76
CA GLU B 204 -20.64 5.98 21.03
C GLU B 204 -21.30 7.32 20.83
N ARG B 205 -21.11 8.02 19.74
CA ARG B 205 -21.72 9.33 19.50
C ARG B 205 -22.93 9.11 18.65
N LEU B 206 -23.34 7.97 18.18
CA LEU B 206 -24.55 7.74 17.39
C LEU B 206 -25.76 7.81 18.35
N GLU B 207 -26.92 8.08 17.73
CA GLU B 207 -28.10 8.24 18.62
C GLU B 207 -28.47 6.95 19.32
N ARG B 208 -28.27 5.80 18.71
CA ARG B 208 -28.55 4.51 19.37
C ARG B 208 -27.32 3.57 19.09
N PRO B 209 -26.39 3.77 19.97
CA PRO B 209 -25.10 3.00 19.79
C PRO B 209 -25.34 1.54 19.78
N GLU B 210 -26.35 0.96 20.46
CA GLU B 210 -26.52 -0.45 20.50
C GLU B 210 -26.78 -1.12 19.20
N LEU B 211 -27.11 -0.38 18.07
CA LEU B 211 -27.40 -0.94 16.81
C LEU B 211 -26.06 -1.10 15.96
N TYR B 212 -25.00 -0.65 16.59
CA TYR B 212 -23.76 -0.66 15.69
C TYR B 212 -22.58 -1.28 16.44
N GLY B 213 -21.84 -2.08 15.63
CA GLY B 213 -20.61 -2.69 16.17
C GLY B 213 -19.49 -2.51 15.08
N VAL B 214 -18.49 -3.36 15.29
CA VAL B 214 -17.41 -3.34 14.25
C VAL B 214 -17.33 -4.67 13.57
N ASN B 215 -16.78 -4.64 12.32
CA ASN B 215 -16.35 -5.80 11.51
C ASN B 215 -14.85 -5.67 11.21
N PRO B 216 -14.00 -5.86 12.16
CA PRO B 216 -12.55 -5.65 11.99
C PRO B 216 -12.04 -6.69 10.99
N GLU B 217 -11.05 -6.25 10.17
CA GLU B 217 -10.35 -7.13 9.18
C GLU B 217 -8.86 -7.18 9.55
N VAL B 218 -8.40 -8.46 9.59
CA VAL B 218 -6.99 -8.72 9.99
C VAL B 218 -6.01 -7.73 9.32
N GLY B 219 -6.12 -7.78 7.98
CA GLY B 219 -5.12 -7.02 7.20
C GLY B 219 -5.18 -5.52 7.43
N HIS B 220 -6.43 -5.04 7.73
CA HIS B 220 -6.53 -3.56 7.81
C HIS B 220 -5.92 -3.00 9.03
N GLU B 221 -6.04 -3.67 10.22
CA GLU B 221 -5.34 -3.19 11.37
C GLU B 221 -3.79 -3.33 11.23
N GLN B 222 -3.48 -4.47 10.56
CA GLN B 222 -2.03 -4.66 10.30
C GLN B 222 -1.46 -3.60 9.35
N MET B 223 -2.28 -3.04 8.49
CA MET B 223 -1.77 -1.91 7.65
C MET B 223 -1.43 -0.71 8.46
N ALA B 224 -1.85 -0.55 9.70
CA ALA B 224 -1.38 0.46 10.59
C ALA B 224 -0.33 -0.04 11.63
N GLY B 225 0.10 -1.29 11.36
CA GLY B 225 1.10 -1.83 12.31
C GLY B 225 0.55 -2.32 13.67
N LEU B 226 -0.80 -2.34 13.71
CA LEU B 226 -1.37 -2.63 15.04
C LEU B 226 -1.49 -4.12 15.25
N ASN B 227 -1.71 -4.48 16.51
CA ASN B 227 -1.88 -5.92 16.91
C ASN B 227 -3.30 -6.32 16.71
N PHE B 228 -3.66 -7.13 15.79
CA PHE B 228 -5.06 -7.46 15.48
C PHE B 228 -5.66 -8.18 16.69
N PRO B 229 -5.10 -9.22 17.28
CA PRO B 229 -5.74 -9.81 18.47
C PRO B 229 -5.94 -8.75 19.51
N HIS B 230 -5.10 -7.79 19.81
CA HIS B 230 -5.38 -6.76 20.84
C HIS B 230 -6.67 -5.98 20.45
N GLY B 231 -6.78 -5.59 19.20
CA GLY B 231 -7.95 -4.77 18.79
C GLY B 231 -9.19 -5.64 18.91
N ILE B 232 -9.17 -6.90 18.56
CA ILE B 232 -10.35 -7.74 18.72
C ILE B 232 -10.62 -7.91 20.22
N ALA B 233 -9.65 -7.98 21.10
CA ALA B 233 -9.92 -8.05 22.53
C ALA B 233 -10.65 -6.76 22.91
N GLN B 234 -10.21 -5.56 22.50
CA GLN B 234 -10.95 -4.37 22.94
C GLN B 234 -12.33 -4.40 22.31
N ALA B 235 -12.61 -4.84 21.12
CA ALA B 235 -13.92 -4.92 20.55
C ALA B 235 -14.80 -5.86 21.40
N LEU B 236 -14.26 -7.01 21.75
CA LEU B 236 -15.04 -7.96 22.60
C LEU B 236 -15.30 -7.28 23.93
N TRP B 237 -14.35 -6.63 24.54
CA TRP B 237 -14.52 -6.00 25.87
C TRP B 237 -15.63 -4.98 25.77
N ALA B 238 -15.80 -4.32 24.65
CA ALA B 238 -16.85 -3.28 24.50
C ALA B 238 -18.16 -3.93 24.14
N GLY B 239 -18.24 -5.21 23.85
CA GLY B 239 -19.46 -5.88 23.41
C GLY B 239 -19.89 -5.54 22.00
N LYS B 240 -18.86 -5.23 21.14
CA LYS B 240 -19.13 -4.75 19.77
C LYS B 240 -18.56 -5.61 18.65
N LEU B 241 -18.09 -6.84 18.92
CA LEU B 241 -17.60 -7.70 17.83
C LEU B 241 -18.74 -8.36 17.16
N PHE B 242 -19.42 -7.65 16.24
CA PHE B 242 -20.61 -8.18 15.58
C PHE B 242 -20.31 -9.18 14.47
N HIS B 243 -19.07 -9.00 13.90
CA HIS B 243 -18.71 -9.86 12.73
C HIS B 243 -17.17 -9.67 12.66
N ILE B 244 -16.56 -10.62 11.89
CA ILE B 244 -15.10 -10.48 11.76
C ILE B 244 -14.74 -10.91 10.35
N ASP B 245 -13.65 -10.28 9.88
CA ASP B 245 -13.14 -10.50 8.51
C ASP B 245 -11.66 -10.97 8.59
N LEU B 246 -11.60 -12.21 8.06
CA LEU B 246 -10.31 -12.97 8.21
C LEU B 246 -9.58 -13.02 6.84
N ASN B 247 -8.25 -12.79 7.00
CA ASN B 247 -7.38 -12.85 5.78
C ASN B 247 -5.99 -12.75 6.39
N GLY B 248 -4.97 -12.54 5.46
CA GLY B 248 -3.59 -12.32 5.91
C GLY B 248 -2.99 -11.07 5.17
N GLN B 249 -1.97 -10.62 5.85
CA GLN B 249 -1.26 -9.39 5.36
C GLN B 249 0.12 -9.56 5.90
N ASN B 250 1.05 -9.13 4.94
CA ASN B 250 2.44 -9.04 5.40
C ASN B 250 2.82 -7.59 5.67
N GLY B 251 2.58 -7.10 6.81
CA GLY B 251 2.98 -5.82 7.31
C GLY B 251 2.32 -4.60 6.68
N ILE B 252 3.11 -3.51 6.70
CA ILE B 252 2.58 -2.18 6.40
C ILE B 252 2.82 -1.89 4.93
N LYS B 253 1.85 -2.09 4.13
CA LYS B 253 1.81 -1.97 2.73
C LYS B 253 0.44 -1.97 2.14
N TYR B 254 0.19 -1.98 0.88
CA TYR B 254 -1.08 -2.10 0.26
C TYR B 254 -1.88 -3.26 0.90
N ASP B 255 -3.18 -3.19 0.73
CA ASP B 255 -4.02 -4.29 1.34
C ASP B 255 -3.91 -5.49 0.42
N GLN B 256 -3.28 -6.52 1.04
CA GLN B 256 -3.07 -7.73 0.26
C GLN B 256 -4.19 -8.73 0.14
N ASP B 257 -4.95 -8.80 1.28
CA ASP B 257 -6.04 -9.78 1.33
C ASP B 257 -5.56 -11.25 1.00
N LEU B 258 -4.45 -11.59 1.67
CA LEU B 258 -4.03 -12.99 1.45
C LEU B 258 -4.97 -14.00 2.10
N ARG B 259 -4.90 -15.27 1.70
CA ARG B 259 -5.79 -16.24 2.43
C ARG B 259 -5.42 -16.23 3.88
N PHE B 260 -6.47 -16.55 4.76
CA PHE B 260 -6.22 -16.63 6.18
C PHE B 260 -5.10 -17.68 6.59
N GLY B 261 -4.27 -17.25 7.47
CA GLY B 261 -3.15 -18.11 7.93
C GLY B 261 -1.86 -17.68 7.19
N ALA B 262 -2.07 -17.09 6.01
CA ALA B 262 -0.87 -16.49 5.37
C ALA B 262 -0.65 -15.13 6.01
N GLY B 263 0.46 -14.46 5.76
CA GLY B 263 0.82 -13.25 6.41
C GLY B 263 1.37 -13.56 7.78
N ASP B 264 0.84 -12.93 8.83
CA ASP B 264 1.35 -13.05 10.17
C ASP B 264 0.77 -14.26 10.85
N LEU B 265 1.43 -15.41 10.77
CA LEU B 265 0.87 -16.68 11.22
C LEU B 265 0.79 -16.64 12.74
N ARG B 266 1.67 -16.14 13.52
CA ARG B 266 1.54 -16.16 14.99
C ARG B 266 0.32 -15.28 15.31
N ALA B 267 0.15 -14.14 14.64
CA ALA B 267 -1.04 -13.35 15.06
C ALA B 267 -2.26 -14.12 14.67
N ALA B 268 -2.34 -14.94 13.67
CA ALA B 268 -3.50 -15.72 13.30
C ALA B 268 -3.76 -16.72 14.49
N PHE B 269 -2.68 -17.34 14.99
CA PHE B 269 -2.88 -18.28 16.12
C PHE B 269 -3.42 -17.50 17.31
N TRP B 270 -2.94 -16.36 17.70
CA TRP B 270 -3.47 -15.66 18.90
C TRP B 270 -4.89 -15.17 18.57
N LEU B 271 -5.23 -14.86 17.34
CA LEU B 271 -6.62 -14.46 17.05
C LEU B 271 -7.51 -15.67 17.25
N VAL B 272 -7.20 -16.82 16.67
CA VAL B 272 -8.10 -17.97 16.86
C VAL B 272 -8.19 -18.34 18.34
N ASP B 273 -7.10 -18.27 19.06
CA ASP B 273 -7.15 -18.56 20.52
C ASP B 273 -8.19 -17.62 21.16
N LEU B 274 -8.11 -16.32 20.85
CA LEU B 274 -9.02 -15.36 21.52
C LEU B 274 -10.41 -15.60 21.05
N LEU B 275 -10.75 -15.79 19.79
CA LEU B 275 -12.10 -16.00 19.32
C LEU B 275 -12.70 -17.23 20.01
N GLU B 276 -11.94 -18.31 20.10
CA GLU B 276 -12.58 -19.53 20.68
C GLU B 276 -12.58 -19.37 22.17
N SER B 277 -11.63 -18.77 22.84
CA SER B 277 -11.74 -18.59 24.31
C SER B 277 -12.93 -17.69 24.65
N ALA B 278 -13.17 -16.69 23.82
CA ALA B 278 -14.24 -15.75 24.23
C ALA B 278 -15.58 -16.31 23.78
N GLY B 279 -15.65 -17.40 23.06
CA GLY B 279 -16.93 -17.93 22.59
C GLY B 279 -17.57 -17.11 21.50
N TYR B 280 -16.77 -16.40 20.67
CA TYR B 280 -17.36 -15.68 19.54
C TYR B 280 -18.24 -16.64 18.75
N SER B 281 -19.50 -16.24 18.45
CA SER B 281 -20.42 -17.10 17.77
C SER B 281 -20.92 -16.66 16.42
N GLY B 282 -20.28 -15.60 15.91
CA GLY B 282 -20.63 -15.10 14.60
C GLY B 282 -19.95 -15.85 13.45
N PRO B 283 -20.20 -15.42 12.24
CA PRO B 283 -19.56 -16.02 11.07
C PRO B 283 -18.04 -15.82 11.18
N ARG B 284 -17.36 -16.86 10.62
CA ARG B 284 -15.89 -16.74 10.41
C ARG B 284 -15.74 -16.47 8.89
N HIS B 285 -15.77 -15.15 8.63
CA HIS B 285 -15.89 -14.66 7.24
C HIS B 285 -14.49 -14.31 6.65
N PHE B 286 -14.30 -14.85 5.45
CA PHE B 286 -13.02 -14.50 4.77
C PHE B 286 -13.23 -13.44 3.69
N ASP B 287 -12.39 -12.41 3.86
CA ASP B 287 -12.35 -11.32 2.86
C ASP B 287 -10.93 -11.40 2.23
N PHE B 288 -10.88 -12.27 1.23
CA PHE B 288 -9.49 -12.48 0.71
C PHE B 288 -9.56 -12.47 -0.80
N LYS B 289 -8.35 -12.28 -1.38
CA LYS B 289 -8.23 -12.35 -2.83
C LYS B 289 -7.32 -13.54 -3.24
N PRO B 290 -7.81 -14.46 -3.97
CA PRO B 290 -6.89 -15.48 -4.55
C PRO B 290 -5.93 -14.65 -5.47
N PRO B 291 -4.65 -14.77 -5.30
CA PRO B 291 -3.74 -13.92 -6.08
C PRO B 291 -4.04 -14.12 -7.53
N ARG B 292 -3.72 -13.00 -8.32
CA ARG B 292 -4.04 -13.05 -9.72
C ARG B 292 -3.19 -13.99 -10.59
N THR B 293 -2.16 -14.51 -9.92
CA THR B 293 -1.34 -15.59 -10.59
C THR B 293 -2.13 -16.86 -10.79
N GLU B 294 -3.25 -17.00 -10.01
CA GLU B 294 -3.98 -18.24 -10.06
C GLU B 294 -5.06 -18.41 -11.07
N ASP B 295 -5.30 -19.62 -11.53
CA ASP B 295 -6.48 -19.92 -12.35
C ASP B 295 -7.67 -20.35 -11.41
N PHE B 296 -8.77 -20.74 -12.04
CA PHE B 296 -9.89 -21.13 -11.16
C PHE B 296 -9.63 -22.27 -10.24
N ASP B 297 -8.82 -23.27 -10.58
CA ASP B 297 -8.47 -24.28 -9.59
C ASP B 297 -7.71 -23.70 -8.42
N GLY B 298 -6.84 -22.69 -8.60
CA GLY B 298 -6.11 -22.03 -7.57
C GLY B 298 -7.07 -21.22 -6.66
N VAL B 299 -8.11 -20.65 -7.27
CA VAL B 299 -9.11 -19.92 -6.45
C VAL B 299 -9.74 -20.88 -5.39
N TRP B 300 -10.13 -22.07 -5.86
CA TRP B 300 -10.78 -22.94 -4.85
C TRP B 300 -9.79 -23.55 -3.90
N ALA B 301 -8.51 -23.73 -4.30
CA ALA B 301 -7.52 -24.15 -3.35
C ALA B 301 -7.25 -23.13 -2.29
N SER B 302 -7.21 -21.81 -2.61
CA SER B 302 -6.96 -20.74 -1.67
C SER B 302 -8.19 -20.63 -0.69
N ALA B 303 -9.35 -20.73 -1.29
CA ALA B 303 -10.56 -20.69 -0.35
C ALA B 303 -10.50 -21.88 0.61
N ALA B 304 -10.16 -23.06 0.06
CA ALA B 304 -10.12 -24.22 1.00
C ALA B 304 -9.12 -23.97 2.05
N GLY B 305 -7.94 -23.38 1.71
CA GLY B 305 -6.84 -23.09 2.62
C GLY B 305 -7.22 -22.21 3.82
N CYS B 306 -8.09 -21.18 3.49
CA CYS B 306 -8.55 -20.33 4.60
C CYS B 306 -9.25 -21.12 5.75
N MET B 307 -10.11 -22.00 5.25
CA MET B 307 -10.79 -22.81 6.30
C MET B 307 -9.93 -23.84 7.01
N ARG B 308 -9.03 -24.45 6.18
CA ARG B 308 -8.08 -25.42 6.76
C ARG B 308 -7.23 -24.79 7.80
N ASN B 309 -6.62 -23.58 7.54
CA ASN B 309 -5.77 -22.92 8.46
C ASN B 309 -6.50 -22.56 9.78
N TYR B 310 -7.76 -22.05 9.59
CA TYR B 310 -8.48 -21.78 10.86
C TYR B 310 -8.65 -23.08 11.71
N LEU B 311 -8.96 -24.16 10.99
CA LEU B 311 -9.15 -25.40 11.83
C LEU B 311 -7.88 -25.96 12.43
N ILE B 312 -6.72 -25.82 11.72
CA ILE B 312 -5.48 -26.24 12.37
C ILE B 312 -5.17 -25.40 13.56
N LEU B 313 -5.28 -24.01 13.38
CA LEU B 313 -4.97 -23.12 14.48
C LEU B 313 -5.96 -23.31 15.69
N LYS B 314 -7.17 -23.66 15.32
CA LYS B 314 -8.14 -23.92 16.46
C LYS B 314 -7.65 -25.13 17.29
N GLU B 315 -7.24 -26.18 16.57
CA GLU B 315 -6.72 -27.35 17.32
C GLU B 315 -5.55 -27.03 18.20
N ARG B 316 -4.54 -26.28 17.60
CA ARG B 316 -3.37 -25.93 18.35
C ARG B 316 -3.57 -25.01 19.55
N ALA B 317 -4.50 -24.01 19.38
CA ALA B 317 -4.77 -23.11 20.53
C ALA B 317 -5.55 -23.88 21.67
N ALA B 318 -6.37 -24.78 21.18
CA ALA B 318 -7.11 -25.53 22.28
C ALA B 318 -6.11 -26.44 22.98
N ALA B 319 -5.18 -27.05 22.23
CA ALA B 319 -4.20 -27.91 22.95
C ALA B 319 -3.33 -27.12 23.87
N PHE B 320 -2.87 -25.87 23.45
CA PHE B 320 -2.13 -25.01 24.34
C PHE B 320 -2.90 -24.75 25.67
N ARG B 321 -4.16 -24.29 25.48
CA ARG B 321 -4.86 -23.89 26.72
C ARG B 321 -5.19 -25.12 27.64
N ALA B 322 -5.31 -26.28 27.02
CA ALA B 322 -5.64 -27.47 27.88
C ALA B 322 -4.41 -28.11 28.48
N ASP B 323 -3.21 -27.73 28.08
CA ASP B 323 -2.02 -28.47 28.58
C ASP B 323 -1.71 -28.04 29.96
N PRO B 324 -1.67 -28.98 30.96
CA PRO B 324 -1.32 -28.64 32.31
C PRO B 324 -0.06 -27.87 32.54
N GLU B 325 0.97 -28.13 31.65
CA GLU B 325 2.21 -27.41 31.77
C GLU B 325 2.09 -25.92 31.32
N VAL B 326 1.14 -25.77 30.39
CA VAL B 326 0.83 -24.32 30.05
C VAL B 326 0.04 -23.65 31.18
N GLN B 327 -0.91 -24.45 31.72
CA GLN B 327 -1.64 -23.79 32.84
C GLN B 327 -0.81 -23.42 34.00
N GLU B 328 0.25 -24.27 34.28
CA GLU B 328 1.21 -23.94 35.30
C GLU B 328 2.07 -22.70 34.96
N ALA B 329 2.43 -22.63 33.65
CA ALA B 329 3.20 -21.45 33.20
C ALA B 329 2.36 -20.13 33.23
N LEU B 330 1.08 -20.30 32.97
CA LEU B 330 0.23 -19.11 33.11
C LEU B 330 0.14 -18.60 34.54
N ARG B 331 0.11 -19.58 35.51
CA ARG B 331 0.20 -19.15 36.89
C ARG B 331 1.51 -18.55 37.29
N ALA B 332 2.63 -19.18 36.73
CA ALA B 332 3.95 -18.63 37.00
C ALA B 332 4.08 -17.19 36.47
N SER B 333 3.37 -16.94 35.37
CA SER B 333 3.39 -15.53 34.89
C SER B 333 2.28 -14.64 35.44
N ARG B 334 1.55 -15.14 36.44
CA ARG B 334 0.55 -14.29 37.13
C ARG B 334 -0.58 -13.90 36.16
N LEU B 335 -0.97 -14.71 35.22
CA LEU B 335 -2.13 -14.39 34.37
C LEU B 335 -3.37 -14.54 35.30
N ASP B 336 -3.32 -15.38 36.34
CA ASP B 336 -4.51 -15.46 37.21
C ASP B 336 -4.56 -14.24 38.06
N GLU B 337 -3.53 -13.59 38.54
CA GLU B 337 -3.62 -12.36 39.28
C GLU B 337 -4.10 -11.22 38.38
N LEU B 338 -3.74 -11.26 37.07
CA LEU B 338 -4.23 -10.19 36.18
C LEU B 338 -5.75 -10.11 36.19
N ALA B 339 -6.42 -11.27 36.33
CA ALA B 339 -7.87 -11.41 36.28
C ALA B 339 -8.49 -11.07 37.65
N ARG B 340 -7.75 -10.75 38.66
CA ARG B 340 -8.38 -10.43 39.97
C ARG B 340 -8.45 -8.93 40.01
N PRO B 341 -9.52 -8.31 40.58
CA PRO B 341 -9.61 -6.89 40.76
C PRO B 341 -8.45 -6.32 41.48
N THR B 342 -7.93 -5.14 41.10
CA THR B 342 -6.88 -4.45 41.78
C THR B 342 -7.25 -4.06 43.24
N ALA B 343 -8.51 -3.54 43.36
CA ALA B 343 -8.85 -2.92 44.65
C ALA B 343 -10.37 -3.06 44.87
N ALA B 344 -10.81 -4.28 45.05
CA ALA B 344 -12.26 -4.51 45.30
C ALA B 344 -12.54 -3.92 46.71
N ASP B 345 -11.60 -3.75 47.55
CA ASP B 345 -11.69 -3.18 48.87
C ASP B 345 -12.08 -1.71 48.81
N GLY B 346 -11.88 -1.06 47.66
CA GLY B 346 -12.26 0.35 47.52
C GLY B 346 -11.12 1.31 47.68
N LEU B 347 -11.41 2.59 47.37
CA LEU B 347 -10.42 3.63 47.39
C LEU B 347 -9.84 3.85 48.73
N GLN B 348 -10.66 4.04 49.81
CA GLN B 348 -10.15 4.29 51.12
C GLN B 348 -9.28 3.10 51.67
N ALA B 349 -9.76 1.94 51.39
CA ALA B 349 -8.93 0.79 51.85
C ALA B 349 -7.53 0.83 51.17
N LEU B 350 -7.55 1.17 49.88
CA LEU B 350 -6.22 1.20 49.18
C LEU B 350 -5.40 2.28 49.72
N LEU B 351 -5.88 3.52 50.01
CA LEU B 351 -5.14 4.60 50.60
C LEU B 351 -4.58 4.29 52.02
N ASP B 352 -5.34 3.42 52.67
CA ASP B 352 -4.92 3.14 54.07
C ASP B 352 -4.00 1.92 54.11
N ASP B 353 -3.81 1.21 53.03
CA ASP B 353 -3.07 -0.05 52.96
C ASP B 353 -1.58 0.26 52.91
N ARG B 354 -0.82 0.11 54.00
CA ARG B 354 0.61 0.42 53.89
C ARG B 354 1.34 -0.58 52.98
N SER B 355 0.78 -1.73 52.73
CA SER B 355 1.45 -2.70 51.86
C SER B 355 1.50 -2.17 50.43
N ALA B 356 0.62 -1.22 50.09
CA ALA B 356 0.59 -0.68 48.72
C ALA B 356 1.51 0.50 48.61
N PHE B 357 2.21 1.04 49.57
CA PHE B 357 3.10 2.16 49.32
C PHE B 357 4.21 2.27 50.34
N GLU B 358 3.84 2.58 51.58
CA GLU B 358 4.85 2.88 52.61
C GLU B 358 5.69 1.65 52.90
N GLU B 359 5.14 0.47 52.86
CA GLU B 359 5.87 -0.77 53.16
C GLU B 359 5.94 -1.71 51.96
N PHE B 360 5.77 -1.15 50.74
CA PHE B 360 5.83 -2.02 49.56
C PHE B 360 7.32 -2.16 49.16
N ASP B 361 7.72 -3.40 49.00
CA ASP B 361 9.18 -3.59 48.68
C ASP B 361 9.31 -3.66 47.13
N VAL B 362 9.57 -2.47 46.60
CA VAL B 362 9.59 -2.30 45.15
C VAL B 362 10.76 -3.14 44.59
N ASP B 363 11.81 -3.28 45.40
CA ASP B 363 12.95 -4.04 44.80
C ASP B 363 12.67 -5.52 44.73
N ALA B 364 12.03 -6.10 45.75
CA ALA B 364 11.66 -7.48 45.71
C ALA B 364 10.70 -7.78 44.59
N ALA B 365 9.73 -6.81 44.39
CA ALA B 365 8.78 -7.07 43.33
C ALA B 365 9.46 -6.89 41.96
N ALA B 366 10.36 -5.92 41.86
CA ALA B 366 11.01 -5.80 40.55
C ALA B 366 11.93 -7.01 40.23
N ALA B 367 12.41 -7.70 41.26
CA ALA B 367 13.30 -8.86 40.94
C ALA B 367 12.55 -10.04 40.44
N ARG B 368 11.20 -10.11 40.60
CA ARG B 368 10.42 -11.21 40.20
C ARG B 368 10.37 -11.35 38.69
N GLY B 369 10.95 -12.37 38.10
CA GLY B 369 10.80 -12.54 36.63
C GLY B 369 9.35 -12.75 36.24
N MET B 370 8.96 -12.33 35.04
CA MET B 370 7.61 -12.64 34.59
C MET B 370 7.39 -13.99 33.98
N ALA B 371 8.50 -14.66 33.55
CA ALA B 371 8.46 -15.95 32.90
C ALA B 371 7.68 -16.15 31.64
N PHE B 372 7.70 -14.90 30.93
CA PHE B 372 6.92 -14.88 29.72
C PHE B 372 7.54 -15.59 28.48
N GLU B 373 8.92 -15.65 28.57
CA GLU B 373 9.57 -16.37 27.43
C GLU B 373 9.32 -17.87 27.41
N ARG B 374 9.39 -18.49 28.64
CA ARG B 374 9.02 -19.91 28.71
C ARG B 374 7.58 -20.19 28.23
N LEU B 375 6.68 -19.24 28.72
CA LEU B 375 5.30 -19.35 28.28
C LEU B 375 5.09 -19.33 26.76
N ASP B 376 5.84 -18.29 26.23
CA ASP B 376 5.72 -18.11 24.76
C ASP B 376 6.35 -19.23 23.92
N GLN B 377 7.43 -19.83 24.50
CA GLN B 377 7.97 -20.99 23.81
C GLN B 377 7.16 -22.29 23.88
N LEU B 378 6.38 -22.33 25.03
CA LEU B 378 5.34 -23.39 24.99
C LEU B 378 4.25 -23.20 23.96
N ALA B 379 3.86 -21.85 23.81
CA ALA B 379 2.93 -21.54 22.73
C ALA B 379 3.47 -21.81 21.31
N MET B 380 4.79 -21.52 21.15
CA MET B 380 5.35 -21.85 19.83
C MET B 380 5.45 -23.35 19.55
N ASP B 381 5.79 -24.05 20.66
CA ASP B 381 5.87 -25.53 20.48
C ASP B 381 4.49 -26.11 20.18
N HIS B 382 3.41 -25.53 20.84
CA HIS B 382 2.09 -25.98 20.46
C HIS B 382 1.62 -25.65 19.06
N LEU B 383 1.95 -24.38 18.65
CA LEU B 383 1.58 -24.02 17.29
C LEU B 383 2.25 -24.89 16.22
N LEU B 384 3.54 -25.19 16.46
CA LEU B 384 4.26 -25.99 15.49
C LEU B 384 4.14 -27.50 15.73
N GLY B 385 3.37 -27.91 16.71
CA GLY B 385 3.21 -29.40 16.88
C GLY B 385 4.57 -29.94 17.30
N ALA B 386 5.31 -29.31 18.15
CA ALA B 386 6.64 -29.72 18.59
C ALA B 386 6.68 -29.92 20.07
N ARG B 387 5.66 -30.50 20.68
CA ARG B 387 5.69 -30.78 22.13
C ARG B 387 6.30 -32.16 22.43
#